data_6PBP
#
_entry.id   6PBP
#
_cell.length_a   180.633
_cell.length_b   53.758
_cell.length_c   96.802
_cell.angle_alpha   90.00
_cell.angle_beta   98.69
_cell.angle_gamma   90.00
#
_symmetry.space_group_name_H-M   'C 1 2 1'
#
loop_
_entity.id
_entity.type
_entity.pdbx_description
1 polymer 'Pseudopaline Dehydrogenase'
2 non-polymer 'NADP NICOTINAMIDE-ADENINE-DINUCLEOTIDE PHOSPHATE'
3 non-polymer 'N-[(1S)-1-carboxy-3-{[(1S)-1-carboxy-2-(1H-imidazol-5-yl)ethyl]amino}propyl]-L-glutamic acid'
4 non-polymer 1,2-ETHANEDIOL
5 water water
#
_entity_poly.entity_id   1
_entity_poly.type   'polypeptide(L)'
_entity_poly.pdbx_seq_one_letter_code
;HHHHHHSSGLVPRGSHMNAADESLGNVLLVGLGAVAIQVALDLRRHGAGRLGALNHPGRRSQRIAEALARGACLQLEGQG
QHRWLSGNAALDVFHQDPAELRDDWQTLVLCVPADSYLDVVRGLPWERLGGVRTLLLVSAFIGANLLVRSALPAGCQATV
LSLSSYYAATKVIDETQPLRALTKAVKRRVYLGSSRPDCPARETWRRVLAGSGVEVVPLATPEAAEGRNVTTYVHSPFFL
GEFALARILSEQGPPGFMYKLYPEGPITPGAIGAMRRLWCELSELLRRMGAEPLNLLRFLNDDNYPVHETMLPRASIDGF
AEAGAERQEYLLFVRYAALLVDPFSPADEQGRHFDFSAVPFRRVSRDEDGLWRLPRVPLEDYRKLALIVALAAHFDLAMP
QARSLLASYENAVSRFIDCQGASQCHPSLYPIDSRPAADAIYRQWCSTC
;
_entity_poly.pdbx_strand_id   A,B
#
# COMPACT_ATOMS: atom_id res chain seq x y z
N SER A 23 9.60 34.54 33.42
CA SER A 23 9.32 33.22 33.98
C SER A 23 7.88 32.84 33.70
N LEU A 24 7.54 31.57 33.91
CA LEU A 24 6.16 31.14 33.78
C LEU A 24 5.35 31.50 35.03
N GLY A 25 5.99 31.67 36.17
CA GLY A 25 5.25 31.98 37.37
C GLY A 25 4.34 30.83 37.73
N ASN A 26 3.20 31.16 38.34
CA ASN A 26 2.18 30.17 38.62
C ASN A 26 1.39 29.89 37.36
N VAL A 27 1.19 28.61 37.06
CA VAL A 27 0.65 28.17 35.79
C VAL A 27 -0.70 27.49 36.04
N LEU A 28 -1.74 27.98 35.35
CA LEU A 28 -3.06 27.36 35.37
C LEU A 28 -3.32 26.62 34.06
N LEU A 29 -3.47 25.31 34.17
CA LEU A 29 -3.88 24.45 33.06
C LEU A 29 -5.40 24.54 32.93
N VAL A 30 -5.88 24.83 31.72
CA VAL A 30 -7.31 24.96 31.46
C VAL A 30 -7.69 23.77 30.61
N GLY A 31 -8.52 22.88 31.17
CA GLY A 31 -8.71 21.57 30.63
C GLY A 31 -7.71 20.66 31.31
N LEU A 32 -8.13 19.56 31.87
CA LEU A 32 -7.19 18.63 32.49
C LEU A 32 -7.46 17.24 31.95
N GLY A 33 -7.05 17.02 30.70
CA GLY A 33 -7.08 15.73 30.08
C GLY A 33 -5.71 15.24 29.70
N ALA A 34 -5.65 14.44 28.63
CA ALA A 34 -4.39 13.77 28.27
C ALA A 34 -3.29 14.77 27.97
N VAL A 35 -3.59 15.77 27.14
CA VAL A 35 -2.60 16.81 26.82
C VAL A 35 -2.08 17.48 28.08
N ALA A 36 -3.01 17.88 28.96
CA ALA A 36 -2.64 18.60 30.16
C ALA A 36 -1.71 17.79 31.04
N ILE A 37 -1.90 16.46 31.10
CA ILE A 37 -1.05 15.64 31.95
C ILE A 37 0.38 15.62 31.40
N GLN A 38 0.54 15.47 30.09
CA GLN A 38 1.86 15.54 29.48
C GLN A 38 2.48 16.91 29.69
N VAL A 39 1.72 17.97 29.43
CA VAL A 39 2.24 19.32 29.65
C VAL A 39 2.61 19.52 31.10
N ALA A 40 1.79 19.01 32.03
CA ALA A 40 2.12 19.16 33.45
C ALA A 40 3.46 18.53 33.80
N LEU A 41 3.74 17.34 33.26
CA LEU A 41 5.04 16.70 33.49
C LEU A 41 6.17 17.59 33.01
N ASP A 42 6.03 18.16 31.82
CA ASP A 42 7.08 19.01 31.26
C ASP A 42 7.22 20.32 32.06
N LEU A 43 6.10 20.85 32.57
CA LEU A 43 6.16 22.07 33.35
C LEU A 43 6.84 21.83 34.70
N ARG A 44 6.58 20.68 35.31
CA ARG A 44 7.15 20.39 36.62
C ARG A 44 8.65 20.12 36.51
N ARG A 45 9.08 19.54 35.39
CA ARG A 45 10.51 19.38 35.14
C ARG A 45 11.17 20.75 35.09
N HIS A 46 10.59 21.67 34.35
CA HIS A 46 11.14 23.01 34.16
C HIS A 46 11.12 23.77 35.43
N GLY A 47 10.02 23.59 36.08
CA GLY A 47 9.79 24.09 37.36
C GLY A 47 9.39 25.46 37.71
N ALA A 48 9.57 25.67 39.00
CA ALA A 48 9.37 26.91 39.79
C ALA A 48 8.09 27.74 39.83
N GLY A 49 6.96 27.09 39.94
CA GLY A 49 5.73 27.84 40.14
C GLY A 49 4.68 26.94 40.75
N ARG A 50 3.59 27.49 41.21
CA ARG A 50 2.49 26.67 41.58
C ARG A 50 1.86 26.17 40.25
N LEU A 51 1.29 25.00 40.30
CA LEU A 51 0.60 24.42 39.14
C LEU A 51 -0.83 24.14 39.55
N GLY A 52 -1.78 24.79 38.87
CA GLY A 52 -3.19 24.57 39.10
C GLY A 52 -3.86 24.08 37.82
N ALA A 53 -5.10 23.63 37.96
CA ALA A 53 -5.90 23.25 36.82
C ALA A 53 -7.36 23.60 37.03
N LEU A 54 -8.01 23.95 35.92
CA LEU A 54 -9.43 24.25 35.87
C LEU A 54 -10.06 23.36 34.83
N ASN A 55 -11.14 22.68 35.20
CA ASN A 55 -11.90 21.87 34.26
C ASN A 55 -13.39 22.02 34.55
N HIS A 56 -14.19 22.23 33.51
CA HIS A 56 -15.60 22.50 33.75
C HIS A 56 -16.29 21.30 34.41
N PRO A 57 -17.40 21.54 35.09
CA PRO A 57 -18.06 20.45 35.82
C PRO A 57 -18.49 19.30 34.94
N GLY A 58 -18.54 18.12 35.52
CA GLY A 58 -18.90 16.93 34.80
C GLY A 58 -18.29 15.71 35.43
N ARG A 59 -18.56 14.55 34.80
CA ARG A 59 -18.09 13.29 35.36
C ARG A 59 -16.58 13.23 35.49
N ARG A 60 -15.87 13.79 34.51
CA ARG A 60 -14.41 13.78 34.59
C ARG A 60 -13.90 14.63 35.74
N SER A 61 -14.45 15.85 35.88
CA SER A 61 -14.02 16.71 36.98
C SER A 61 -14.33 16.07 38.33
N GLN A 62 -15.48 15.41 38.43
CA GLN A 62 -15.81 14.69 39.66
C GLN A 62 -14.77 13.62 39.96
N ARG A 63 -14.39 12.83 38.95
CA ARG A 63 -13.39 11.79 39.16
C ARG A 63 -12.02 12.40 39.49
N ILE A 64 -11.66 13.49 38.82
CA ILE A 64 -10.41 14.18 39.13
C ILE A 64 -10.38 14.62 40.58
N ALA A 65 -11.43 15.28 41.06
CA ALA A 65 -11.41 15.77 42.42
C ALA A 65 -11.33 14.61 43.40
N GLU A 66 -12.03 13.51 43.10
CA GLU A 66 -11.94 12.34 43.95
C GLU A 66 -10.52 11.79 43.98
N ALA A 67 -9.87 11.73 42.83
CA ALA A 67 -8.50 11.20 42.77
C ALA A 67 -7.55 12.09 43.55
N LEU A 68 -7.63 13.40 43.34
CA LEU A 68 -6.73 14.32 44.04
C LEU A 68 -6.99 14.30 45.54
N ALA A 69 -8.24 14.19 45.92
CA ALA A 69 -8.56 14.16 47.36
C ALA A 69 -8.01 12.89 48.01
N ARG A 70 -7.90 11.80 47.31
CA ARG A 70 -7.24 10.66 47.88
C ARG A 70 -5.68 10.67 47.77
N GLY A 71 -5.02 11.78 47.37
CA GLY A 71 -3.60 11.87 47.32
C GLY A 71 -3.02 11.51 45.98
N ALA A 72 -3.81 11.39 44.94
CA ALA A 72 -3.20 11.00 43.66
C ALA A 72 -2.46 12.14 43.01
N CYS A 73 -1.54 11.79 42.15
CA CYS A 73 -0.79 12.73 41.40
C CYS A 73 -1.05 12.47 39.90
N LEU A 74 -0.59 13.37 39.06
CA LEU A 74 -0.64 13.20 37.64
C LEU A 74 0.48 12.19 37.27
N GLN A 75 0.14 11.20 36.47
CA GLN A 75 1.10 10.17 36.07
C GLN A 75 1.17 10.12 34.54
N LEU A 76 2.38 10.23 33.98
CA LEU A 76 2.59 10.14 32.55
C LEU A 76 3.47 8.93 32.28
N GLU A 77 2.97 7.98 31.49
CA GLU A 77 3.76 6.83 31.06
C GLU A 77 4.11 6.97 29.58
N GLY A 78 5.37 6.68 29.24
CA GLY A 78 5.77 6.60 27.85
C GLY A 78 5.71 5.17 27.35
N GLN A 79 5.20 4.99 26.14
CA GLN A 79 5.06 3.66 25.57
C GLN A 79 6.32 3.30 24.80
N GLY A 80 6.75 2.04 24.93
CA GLY A 80 7.88 1.50 24.19
C GLY A 80 9.10 2.41 24.20
N GLN A 81 9.46 2.89 23.01
CA GLN A 81 10.65 3.73 22.87
C GLN A 81 10.58 4.97 23.74
N HIS A 82 9.37 5.45 24.02
CA HIS A 82 9.15 6.67 24.78
C HIS A 82 9.14 6.43 26.29
N ARG A 83 9.49 5.23 26.73
CA ARG A 83 9.38 4.92 28.16
C ARG A 83 10.21 5.86 29.02
N TRP A 84 11.25 6.43 28.45
CA TRP A 84 12.12 7.32 29.19
C TRP A 84 11.42 8.56 29.72
N LEU A 85 10.32 8.95 29.07
CA LEU A 85 9.59 10.14 29.48
C LEU A 85 8.82 9.94 30.77
N SER A 86 8.55 8.69 31.14
CA SER A 86 7.54 8.43 32.19
C SER A 86 7.91 9.15 33.48
N GLY A 87 6.89 9.70 34.14
CA GLY A 87 7.10 10.41 35.40
C GLY A 87 5.79 10.79 36.04
N ASN A 88 5.90 11.41 37.21
CA ASN A 88 4.76 11.88 37.99
C ASN A 88 4.88 13.39 38.22
N ALA A 89 3.73 14.05 38.33
CA ALA A 89 3.69 15.50 38.51
C ALA A 89 2.60 15.84 39.51
N ALA A 90 2.93 16.63 40.52
CA ALA A 90 1.94 17.01 41.51
C ALA A 90 1.17 18.24 41.06
N LEU A 91 -0.13 18.26 41.38
CA LEU A 91 -0.99 19.40 41.11
C LEU A 91 -1.30 20.09 42.43
N ASP A 92 -1.08 21.40 42.49
CA ASP A 92 -1.27 22.13 43.75
C ASP A 92 -2.75 22.39 44.03
N VAL A 93 -3.49 22.80 43.02
CA VAL A 93 -4.90 23.08 43.17
C VAL A 93 -5.64 22.63 41.92
N PHE A 94 -6.88 22.19 42.12
CA PHE A 94 -7.77 21.82 41.03
C PHE A 94 -9.12 22.48 41.28
N HIS A 95 -9.64 23.16 40.26
CA HIS A 95 -10.93 23.82 40.29
C HIS A 95 -11.87 23.26 39.23
N GLN A 96 -13.13 23.01 39.63
CA GLN A 96 -14.18 22.73 38.67
C GLN A 96 -15.26 23.78 38.79
N ASP A 97 -14.93 24.90 39.43
CA ASP A 97 -15.78 26.05 39.73
C ASP A 97 -14.90 27.29 39.54
N PRO A 98 -15.07 28.03 38.43
CA PRO A 98 -14.24 29.24 38.22
C PRO A 98 -14.43 30.30 39.28
N ALA A 99 -15.50 30.20 40.08
CA ALA A 99 -15.76 31.21 41.10
C ALA A 99 -14.71 31.21 42.19
N GLU A 100 -14.00 30.10 42.34
CA GLU A 100 -12.98 29.99 43.36
C GLU A 100 -11.63 30.53 42.90
N LEU A 101 -11.48 30.82 41.61
CA LEU A 101 -10.22 31.35 41.12
C LEU A 101 -9.99 32.77 41.61
N ARG A 102 -8.73 33.06 41.92
CA ARG A 102 -8.29 34.40 42.28
C ARG A 102 -7.09 34.76 41.43
N ASP A 103 -6.66 36.01 41.55
CA ASP A 103 -5.63 36.59 40.68
C ASP A 103 -4.23 36.11 41.11
N ASP A 104 -4.00 34.82 40.88
CA ASP A 104 -2.83 34.13 41.35
C ASP A 104 -1.97 33.55 40.24
N TRP A 105 -2.32 33.80 38.98
CA TRP A 105 -1.81 33.03 37.85
C TRP A 105 -1.15 33.97 36.87
N GLN A 106 0.05 33.59 36.42
CA GLN A 106 0.78 34.36 35.41
C GLN A 106 0.66 33.74 34.03
N THR A 107 0.44 32.45 33.97
CA THR A 107 0.38 31.75 32.70
C THR A 107 -0.84 30.85 32.65
N LEU A 108 -1.59 30.94 31.57
CA LEU A 108 -2.69 30.03 31.30
C LEU A 108 -2.30 29.12 30.15
N VAL A 109 -2.55 27.82 30.29
CA VAL A 109 -2.26 26.86 29.24
C VAL A 109 -3.57 26.19 28.84
N LEU A 110 -4.04 26.44 27.62
CA LEU A 110 -5.32 25.88 27.16
C LEU A 110 -5.08 24.51 26.55
N CYS A 111 -5.55 23.48 27.26
CA CYS A 111 -5.41 22.07 26.92
C CYS A 111 -6.77 21.49 26.55
N VAL A 112 -7.75 22.35 26.34
CA VAL A 112 -9.09 21.96 25.90
C VAL A 112 -9.06 21.74 24.39
N PRO A 113 -10.09 21.12 23.83
CA PRO A 113 -10.17 21.00 22.37
C PRO A 113 -10.11 22.36 21.69
N ALA A 114 -9.45 22.41 20.56
CA ALA A 114 -9.23 23.67 19.89
C ALA A 114 -10.53 24.30 19.43
N ASP A 115 -11.54 23.48 19.13
CA ASP A 115 -12.84 24.05 18.73
C ASP A 115 -13.61 24.62 19.89
N SER A 116 -13.11 24.51 21.13
CA SER A 116 -13.73 25.16 22.28
C SER A 116 -12.96 26.39 22.77
N TYR A 117 -11.86 26.77 22.11
CA TYR A 117 -11.07 27.87 22.61
C TYR A 117 -11.91 29.13 22.84
N LEU A 118 -12.80 29.45 21.89
CA LEU A 118 -13.59 30.67 22.04
C LEU A 118 -14.50 30.59 23.26
N ASP A 119 -15.24 29.47 23.40
CA ASP A 119 -16.10 29.30 24.59
C ASP A 119 -15.29 29.38 25.87
N VAL A 120 -14.14 28.72 25.89
CA VAL A 120 -13.35 28.64 27.10
C VAL A 120 -12.77 30.01 27.45
N VAL A 121 -12.28 30.77 26.47
CA VAL A 121 -11.73 32.08 26.79
C VAL A 121 -12.83 33.04 27.25
N ARG A 122 -14.01 32.98 26.64
CA ARG A 122 -15.12 33.82 27.09
C ARG A 122 -15.54 33.48 28.52
N GLY A 123 -15.46 32.20 28.89
CA GLY A 123 -15.93 31.75 30.18
C GLY A 123 -14.94 31.94 31.33
N LEU A 124 -13.71 32.30 31.05
CA LEU A 124 -12.76 32.50 32.14
C LEU A 124 -13.14 33.75 32.92
N PRO A 125 -12.88 33.76 34.22
CA PRO A 125 -13.21 34.95 35.04
C PRO A 125 -12.12 36.02 34.96
N TRP A 126 -12.07 36.71 33.83
CA TRP A 126 -10.97 37.62 33.54
C TRP A 126 -10.84 38.73 34.58
N GLU A 127 -11.93 39.11 35.22
CA GLU A 127 -11.86 40.14 36.24
C GLU A 127 -11.00 39.70 37.42
N ARG A 128 -10.80 38.41 37.60
CA ARG A 128 -9.91 37.90 38.64
C ARG A 128 -8.63 37.30 38.09
N LEU A 129 -8.26 37.66 36.85
CA LEU A 129 -7.09 37.11 36.18
C LEU A 129 -6.24 38.22 35.59
N GLY A 130 -6.26 39.41 36.20
CA GLY A 130 -5.50 40.52 35.65
C GLY A 130 -4.01 40.31 35.63
N GLY A 131 -3.50 39.40 36.47
CA GLY A 131 -2.09 39.10 36.47
C GLY A 131 -1.61 38.18 35.37
N VAL A 132 -2.52 37.62 34.58
CA VAL A 132 -2.08 36.70 33.54
C VAL A 132 -1.28 37.46 32.49
N ARG A 133 -0.08 36.96 32.21
CA ARG A 133 0.79 37.59 31.23
C ARG A 133 0.87 36.81 29.93
N THR A 134 0.62 35.50 29.97
CA THR A 134 0.69 34.71 28.75
C THR A 134 -0.42 33.67 28.75
N LEU A 135 -0.88 33.38 27.55
CA LEU A 135 -1.90 32.37 27.32
C LEU A 135 -1.41 31.52 26.15
N LEU A 136 -1.24 30.24 26.41
CA LEU A 136 -0.73 29.33 25.38
C LEU A 136 -1.85 28.45 24.84
N LEU A 137 -1.99 28.46 23.52
CA LEU A 137 -2.87 27.56 22.79
C LEU A 137 -2.06 26.35 22.35
N VAL A 138 -2.32 25.18 22.95
CA VAL A 138 -1.44 24.05 22.73
C VAL A 138 -1.66 23.40 21.38
N SER A 139 -2.83 23.54 20.80
CA SER A 139 -3.10 22.97 19.47
C SER A 139 -3.85 24.00 18.64
N ALA A 140 -3.12 24.95 18.09
CA ALA A 140 -3.76 26.04 17.38
C ALA A 140 -4.10 25.65 15.94
N PHE A 141 -4.72 26.59 15.23
CA PHE A 141 -5.15 26.47 13.84
C PHE A 141 -5.23 27.90 13.32
N ILE A 142 -5.27 28.04 11.99
CA ILE A 142 -5.17 29.35 11.39
C ILE A 142 -6.32 30.23 11.90
N GLY A 143 -5.97 31.33 12.53
CA GLY A 143 -6.94 32.26 13.07
C GLY A 143 -7.20 32.13 14.56
N ALA A 144 -6.69 31.07 15.20
CA ALA A 144 -7.00 30.84 16.60
C ALA A 144 -6.47 31.96 17.51
N ASN A 145 -5.24 32.40 17.25
CA ASN A 145 -4.65 33.45 18.07
C ASN A 145 -5.50 34.72 18.00
N LEU A 146 -5.85 35.13 16.79
CA LEU A 146 -6.70 36.29 16.58
C LEU A 146 -8.07 36.12 17.22
N LEU A 147 -8.63 34.92 17.14
CA LEU A 147 -9.95 34.69 17.73
C LEU A 147 -9.89 34.86 19.24
N VAL A 148 -8.90 34.22 19.87
CA VAL A 148 -8.71 34.34 21.31
C VAL A 148 -8.49 35.79 21.70
N ARG A 149 -7.62 36.51 20.97
CA ARG A 149 -7.38 37.92 21.31
C ARG A 149 -8.68 38.72 21.19
N SER A 150 -9.51 38.39 20.21
CA SER A 150 -10.75 39.15 20.03
C SER A 150 -11.68 38.97 21.24
N ALA A 151 -11.56 37.85 21.95
CA ALA A 151 -12.44 37.53 23.07
C ALA A 151 -11.91 38.02 24.42
N LEU A 152 -10.66 38.47 24.48
CA LEU A 152 -10.11 38.97 25.71
C LEU A 152 -10.81 40.27 26.11
N PRO A 153 -10.82 40.61 27.39
CA PRO A 153 -11.33 41.92 27.79
C PRO A 153 -10.46 43.05 27.27
N ALA A 154 -11.08 44.20 27.10
CA ALA A 154 -10.35 45.38 26.64
C ALA A 154 -9.21 45.70 27.59
N GLY A 155 -8.08 46.14 27.03
CA GLY A 155 -6.91 46.41 27.83
C GLY A 155 -6.26 45.20 28.45
N CYS A 156 -6.71 43.99 28.14
CA CYS A 156 -5.99 42.80 28.60
C CYS A 156 -4.63 42.79 27.93
N GLN A 157 -3.58 42.58 28.69
CA GLN A 157 -2.27 42.56 28.05
C GLN A 157 -1.58 41.21 28.25
N ALA A 158 -2.38 40.14 28.27
CA ALA A 158 -1.80 38.83 28.08
C ALA A 158 -1.36 38.67 26.63
N THR A 159 -0.16 38.18 26.44
CA THR A 159 0.29 37.69 25.15
C THR A 159 -0.30 36.31 24.90
N VAL A 160 -0.73 36.08 23.67
CA VAL A 160 -1.28 34.80 23.29
C VAL A 160 -0.25 34.09 22.42
N LEU A 161 0.09 32.87 22.79
CA LEU A 161 1.01 32.02 22.04
C LEU A 161 0.23 30.93 21.32
N SER A 162 0.62 30.63 20.08
CA SER A 162 0.06 29.54 19.30
C SER A 162 1.13 28.47 19.05
N LEU A 163 0.94 27.30 19.65
CA LEU A 163 1.69 26.10 19.26
C LEU A 163 1.03 25.44 18.07
N SER A 164 1.86 25.03 17.10
CA SER A 164 1.33 24.53 15.83
C SER A 164 0.45 23.30 16.02
N SER A 165 0.94 22.32 16.77
CA SER A 165 0.25 21.07 16.98
C SER A 165 0.61 20.65 18.40
N TYR A 166 -0.26 19.87 19.01
CA TYR A 166 0.19 19.18 20.21
C TYR A 166 1.40 18.33 19.85
N TYR A 167 2.33 18.22 20.76
CA TYR A 167 3.66 17.71 20.41
C TYR A 167 3.84 16.23 20.63
N ALA A 168 2.76 15.49 20.91
CA ALA A 168 2.84 14.06 21.15
C ALA A 168 1.53 13.40 20.77
N ALA A 169 1.43 12.10 21.04
CA ALA A 169 0.17 11.37 21.01
C ALA A 169 -0.05 10.77 22.39
N THR A 170 -1.10 11.24 23.07
CA THR A 170 -1.27 10.95 24.48
C THR A 170 -2.74 10.65 24.72
N LYS A 171 -3.00 9.67 25.58
CA LYS A 171 -4.37 9.30 25.91
C LYS A 171 -4.48 8.97 27.38
N VAL A 172 -5.64 9.28 27.95
CA VAL A 172 -5.97 8.77 29.27
C VAL A 172 -6.35 7.30 29.09
N ILE A 173 -5.55 6.42 29.69
CA ILE A 173 -5.69 4.99 29.45
C ILE A 173 -7.07 4.51 29.91
N ASP A 174 -7.46 4.92 31.11
CA ASP A 174 -8.61 4.39 31.83
C ASP A 174 -9.28 5.56 32.52
N GLU A 175 -10.50 5.90 32.12
CA GLU A 175 -11.09 7.11 32.67
C GLU A 175 -11.46 6.99 34.14
N THR A 176 -11.47 5.78 34.71
CA THR A 176 -11.65 5.68 36.16
C THR A 176 -10.38 6.03 36.92
N GLN A 177 -9.26 6.21 36.22
CA GLN A 177 -8.02 6.78 36.75
C GLN A 177 -7.72 7.99 35.87
N PRO A 178 -8.45 9.09 36.06
CA PRO A 178 -8.41 10.20 35.10
C PRO A 178 -7.09 10.91 35.05
N LEU A 179 -6.19 10.65 35.99
CA LEU A 179 -4.97 11.41 36.05
C LEU A 179 -3.78 10.65 35.48
N ARG A 180 -4.01 9.49 34.87
CA ARG A 180 -2.92 8.69 34.31
C ARG A 180 -3.02 8.62 32.80
N ALA A 181 -1.96 9.07 32.12
CA ALA A 181 -1.96 9.17 30.67
C ALA A 181 -0.79 8.42 30.11
N LEU A 182 -0.95 7.99 28.85
CA LEU A 182 0.04 7.25 28.09
C LEU A 182 0.42 8.03 26.84
N THR A 183 1.69 8.33 26.68
CA THR A 183 2.19 8.99 25.49
C THR A 183 2.89 7.93 24.64
N LYS A 184 2.38 7.73 23.42
CA LYS A 184 2.89 6.71 22.51
C LYS A 184 3.64 7.25 21.30
N ALA A 185 3.66 8.55 21.10
CA ALA A 185 4.48 9.14 20.04
C ALA A 185 4.84 10.55 20.49
N VAL A 186 5.99 11.02 20.02
CA VAL A 186 6.44 12.38 20.25
C VAL A 186 6.91 12.93 18.91
N LYS A 187 6.44 14.11 18.56
CA LYS A 187 6.84 14.74 17.32
C LYS A 187 8.31 15.10 17.35
N ARG A 188 8.91 15.12 16.16
CA ARG A 188 10.29 15.59 16.08
C ARG A 188 10.36 17.09 16.25
N ARG A 189 9.35 17.80 15.72
CA ARG A 189 9.40 19.25 15.69
C ARG A 189 7.99 19.80 15.67
N VAL A 190 7.80 20.91 16.40
CA VAL A 190 6.61 21.77 16.30
C VAL A 190 7.06 23.23 16.25
N TYR A 191 6.10 24.14 16.09
CA TYR A 191 6.39 25.55 15.81
C TYR A 191 5.59 26.41 16.78
N LEU A 192 6.14 27.58 17.12
CA LEU A 192 5.54 28.43 18.13
C LEU A 192 5.58 29.89 17.71
N GLY A 193 4.40 30.51 17.67
CA GLY A 193 4.28 31.91 17.36
C GLY A 193 3.60 32.63 18.53
N SER A 194 3.68 33.96 18.48
CA SER A 194 3.23 34.79 19.59
C SER A 194 2.62 36.07 19.06
N SER A 195 1.61 36.58 19.78
CA SER A 195 1.00 37.84 19.42
C SER A 195 1.91 39.03 19.68
N ARG A 196 2.95 38.86 20.44
CA ARG A 196 3.97 39.85 20.69
C ARG A 196 5.14 39.62 19.76
N PRO A 197 5.61 40.60 19.01
CA PRO A 197 6.77 40.36 18.13
C PRO A 197 8.02 40.10 18.95
N ASP A 198 8.88 39.27 18.40
CA ASP A 198 10.13 38.90 19.08
C ASP A 198 9.84 38.53 20.53
N CYS A 199 8.90 37.62 20.72
CA CYS A 199 8.38 37.31 22.05
C CYS A 199 9.36 36.44 22.83
N PRO A 200 9.70 36.81 24.08
CA PRO A 200 10.67 36.01 24.84
C PRO A 200 10.08 34.76 25.45
N ALA A 201 8.75 34.66 25.52
CA ALA A 201 8.13 33.47 26.08
C ALA A 201 8.31 32.27 25.18
N ARG A 202 8.58 32.48 23.88
CA ARG A 202 8.75 31.35 22.98
C ARG A 202 9.92 30.50 23.42
N GLU A 203 11.03 31.15 23.83
CA GLU A 203 12.19 30.41 24.29
C GLU A 203 11.88 29.61 25.55
N THR A 204 11.11 30.18 26.48
CA THR A 204 10.70 29.43 27.66
C THR A 204 10.00 28.14 27.28
N TRP A 205 9.04 28.22 26.37
CA TRP A 205 8.34 27.01 25.96
C TRP A 205 9.19 26.10 25.10
N ARG A 206 10.17 26.66 24.38
CA ARG A 206 11.14 25.80 23.73
C ARG A 206 11.80 24.89 24.76
N ARG A 207 12.22 25.48 25.88
CA ARG A 207 12.87 24.70 26.92
C ARG A 207 11.92 23.69 27.53
N VAL A 208 10.68 24.12 27.85
CA VAL A 208 9.73 23.22 28.49
C VAL A 208 9.53 21.98 27.63
N LEU A 209 9.20 22.16 26.34
CA LEU A 209 8.94 21.01 25.46
C LEU A 209 10.20 20.21 25.17
N ALA A 210 11.36 20.86 25.17
CA ALA A 210 12.58 20.15 24.90
C ALA A 210 12.82 19.05 25.92
N GLY A 211 12.26 19.21 27.12
CA GLY A 211 12.36 18.18 28.14
C GLY A 211 11.80 16.83 27.72
N SER A 212 10.86 16.81 26.77
CA SER A 212 10.33 15.56 26.25
C SER A 212 10.86 15.25 24.86
N GLY A 213 11.89 15.98 24.41
CA GLY A 213 12.57 15.63 23.20
C GLY A 213 12.08 16.29 21.95
N VAL A 214 11.15 17.24 22.07
CA VAL A 214 10.59 17.93 20.92
C VAL A 214 11.37 19.20 20.69
N GLU A 215 11.70 19.47 19.43
CA GLU A 215 12.30 20.73 19.03
C GLU A 215 11.18 21.71 18.72
N VAL A 216 11.15 22.82 19.44
CA VAL A 216 10.22 23.90 19.16
C VAL A 216 10.95 24.94 18.32
N VAL A 217 10.40 25.23 17.15
CA VAL A 217 10.96 26.22 16.23
C VAL A 217 10.14 27.50 16.38
N PRO A 218 10.72 28.59 16.89
CA PRO A 218 9.98 29.84 16.97
C PRO A 218 9.79 30.44 15.59
N LEU A 219 8.58 30.92 15.33
CA LEU A 219 8.26 31.61 14.08
C LEU A 219 7.76 33.01 14.39
N ALA A 220 7.74 33.85 13.37
CA ALA A 220 7.66 35.28 13.60
C ALA A 220 6.25 35.79 13.82
N THR A 221 5.22 35.01 13.49
CA THR A 221 3.85 35.42 13.73
C THR A 221 3.05 34.22 14.18
N PRO A 222 1.89 34.43 14.81
CA PRO A 222 1.05 33.28 15.17
C PRO A 222 0.61 32.47 13.99
N GLU A 223 0.24 33.11 12.88
CA GLU A 223 -0.35 32.36 11.78
C GLU A 223 0.69 31.49 11.11
N ALA A 224 1.95 31.88 11.15
CA ALA A 224 2.97 31.00 10.58
C ALA A 224 3.02 29.66 11.34
N ALA A 225 2.90 29.71 12.66
CA ALA A 225 2.85 28.50 13.46
C ALA A 225 1.54 27.76 13.25
N GLU A 226 0.42 28.49 13.25
CA GLU A 226 -0.88 27.86 13.06
C GLU A 226 -0.98 27.17 11.71
N GLY A 227 -0.30 27.70 10.70
CA GLY A 227 -0.28 27.07 9.39
C GLY A 227 0.48 25.78 9.33
N ARG A 228 1.10 25.39 10.44
CA ARG A 228 1.80 24.12 10.55
C ARG A 228 1.07 23.16 11.49
N ASN A 229 -0.25 23.36 11.69
CA ASN A 229 -1.06 22.39 12.42
C ASN A 229 -1.26 21.15 11.56
N VAL A 230 -0.73 20.02 12.01
CA VAL A 230 -0.72 18.83 11.17
C VAL A 230 -2.14 18.34 10.94
N THR A 231 -2.98 18.38 11.99
CA THR A 231 -4.32 17.79 11.91
C THR A 231 -5.13 18.43 10.80
N THR A 232 -4.98 19.74 10.61
CA THR A 232 -5.75 20.43 9.59
C THR A 232 -5.45 19.86 8.20
N TYR A 233 -4.19 19.57 7.90
CA TYR A 233 -3.84 19.07 6.58
C TYR A 233 -4.23 17.62 6.37
N VAL A 234 -4.29 16.82 7.42
CA VAL A 234 -4.46 15.38 7.31
C VAL A 234 -5.90 14.97 7.57
N HIS A 235 -6.48 15.42 8.69
CA HIS A 235 -7.86 15.02 9.01
C HIS A 235 -8.88 15.60 8.05
N SER A 236 -8.67 16.81 7.53
CA SER A 236 -9.66 17.40 6.64
C SER A 236 -9.91 16.55 5.41
N PRO A 237 -8.89 16.19 4.61
CA PRO A 237 -9.17 15.39 3.41
C PRO A 237 -9.57 13.96 3.74
N PHE A 238 -9.01 13.38 4.79
CA PHE A 238 -9.25 11.97 5.04
C PHE A 238 -10.52 11.67 5.83
N PHE A 239 -10.90 12.53 6.77
CA PHE A 239 -11.95 12.15 7.73
C PHE A 239 -13.21 12.97 7.57
N LEU A 240 -13.27 13.86 6.56
CA LEU A 240 -14.50 14.52 6.19
C LEU A 240 -15.12 13.91 4.94
N GLY A 241 -14.51 12.86 4.40
CA GLY A 241 -15.01 12.22 3.21
C GLY A 241 -16.04 11.15 3.49
N GLU A 242 -16.60 10.64 2.40
CA GLU A 242 -17.68 9.66 2.48
C GLU A 242 -17.28 8.44 3.30
N PHE A 243 -16.12 7.84 2.98
CA PHE A 243 -15.77 6.59 3.64
C PHE A 243 -15.69 6.79 5.14
N ALA A 244 -14.94 7.79 5.57
CA ALA A 244 -14.76 8.01 7.00
C ALA A 244 -16.11 8.25 7.68
N LEU A 245 -16.92 9.13 7.12
CA LEU A 245 -18.21 9.44 7.74
C LEU A 245 -19.10 8.20 7.83
N ALA A 246 -19.07 7.34 6.81
CA ALA A 246 -19.83 6.09 6.89
C ALA A 246 -19.38 5.22 8.05
N ARG A 247 -18.09 5.15 8.32
CA ARG A 247 -17.64 4.40 9.49
C ARG A 247 -18.02 5.10 10.78
N ILE A 248 -17.79 6.42 10.84
CA ILE A 248 -18.01 7.17 12.07
C ILE A 248 -19.48 7.17 12.47
N LEU A 249 -20.39 7.24 11.49
CA LEU A 249 -21.82 7.32 11.79
C LEU A 249 -22.46 5.93 11.87
N SER A 250 -21.67 4.86 11.74
CA SER A 250 -22.19 3.51 11.84
C SER A 250 -22.26 3.05 13.29
N GLU A 251 -23.13 2.07 13.53
CA GLU A 251 -23.25 1.38 14.80
C GLU A 251 -22.85 -0.08 14.73
N GLN A 252 -23.14 -0.73 13.61
CA GLN A 252 -23.09 -2.18 13.48
C GLN A 252 -21.82 -2.71 12.83
N GLY A 253 -21.21 -2.00 11.90
CA GLY A 253 -20.07 -2.56 11.22
C GLY A 253 -18.89 -2.77 12.16
N PRO A 254 -17.79 -3.34 11.63
CA PRO A 254 -16.51 -3.04 12.23
C PRO A 254 -16.19 -1.58 11.98
N PRO A 255 -15.46 -0.93 12.85
CA PRO A 255 -15.28 0.53 12.67
C PRO A 255 -14.36 0.92 11.52
N GLY A 256 -13.57 -0.01 10.97
CA GLY A 256 -12.58 0.37 9.97
C GLY A 256 -11.40 1.08 10.63
N PHE A 257 -10.42 1.43 9.78
CA PHE A 257 -9.13 1.92 10.24
C PHE A 257 -8.83 3.25 9.58
N MET A 258 -8.33 4.19 10.38
CA MET A 258 -8.23 5.56 9.91
C MET A 258 -7.19 5.76 8.82
N TYR A 259 -6.09 4.98 8.83
CA TYR A 259 -4.97 5.26 7.92
C TYR A 259 -4.72 4.10 6.97
N LYS A 260 -5.71 3.23 6.80
CA LYS A 260 -5.57 2.18 5.80
C LYS A 260 -6.16 2.60 4.46
N LEU A 261 -5.80 1.85 3.41
CA LEU A 261 -6.32 2.09 2.08
C LEU A 261 -7.71 1.46 1.94
N TYR A 262 -8.52 2.05 1.06
CA TYR A 262 -9.82 1.50 0.74
C TYR A 262 -9.60 0.03 0.32
N PRO A 263 -10.44 -0.90 0.77
CA PRO A 263 -11.69 -0.72 1.50
C PRO A 263 -11.59 -0.86 3.01
N GLU A 264 -10.36 -0.97 3.54
CA GLU A 264 -10.15 -1.10 4.97
C GLU A 264 -10.14 0.25 5.67
N GLY A 265 -9.83 1.31 4.93
CA GLY A 265 -9.71 2.65 5.44
C GLY A 265 -10.06 3.63 4.34
N PRO A 266 -9.96 4.93 4.63
CA PRO A 266 -10.43 5.96 3.70
C PRO A 266 -9.42 6.43 2.67
N ILE A 267 -8.18 5.94 2.69
CA ILE A 267 -7.18 6.54 1.83
C ILE A 267 -7.31 5.97 0.42
N THR A 268 -7.52 6.85 -0.52
CA THR A 268 -7.74 6.58 -1.94
C THR A 268 -6.96 7.65 -2.70
N PRO A 269 -6.72 7.47 -3.99
CA PRO A 269 -6.14 8.57 -4.78
C PRO A 269 -6.99 9.85 -4.74
N GLY A 270 -8.30 9.71 -4.67
CA GLY A 270 -9.12 10.90 -4.52
C GLY A 270 -8.89 11.63 -3.22
N ALA A 271 -8.74 10.89 -2.13
CA ALA A 271 -8.44 11.53 -0.85
C ALA A 271 -7.11 12.25 -0.88
N ILE A 272 -6.12 11.64 -1.55
CA ILE A 272 -4.82 12.27 -1.71
C ILE A 272 -4.90 13.51 -2.57
N GLY A 273 -5.71 13.48 -3.64
CA GLY A 273 -5.92 14.68 -4.42
C GLY A 273 -6.53 15.80 -3.58
N ALA A 274 -7.48 15.46 -2.74
CA ALA A 274 -8.09 16.44 -1.85
C ALA A 274 -7.06 17.01 -0.89
N MET A 275 -6.18 16.17 -0.37
CA MET A 275 -5.10 16.62 0.50
C MET A 275 -4.23 17.64 -0.21
N ARG A 276 -3.81 17.34 -1.44
CA ARG A 276 -2.94 18.23 -2.17
C ARG A 276 -3.66 19.55 -2.44
N ARG A 277 -4.90 19.47 -2.89
CA ARG A 277 -5.61 20.69 -3.27
C ARG A 277 -5.91 21.55 -2.06
N LEU A 278 -6.24 20.92 -0.92
CA LEU A 278 -6.45 21.71 0.29
C LEU A 278 -5.17 22.38 0.75
N TRP A 279 -4.04 21.67 0.66
CA TRP A 279 -2.76 22.25 1.05
C TRP A 279 -2.47 23.48 0.20
N CYS A 280 -2.80 23.41 -1.08
CA CYS A 280 -2.65 24.59 -1.94
C CYS A 280 -3.51 25.73 -1.44
N GLU A 281 -4.80 25.44 -1.13
CA GLU A 281 -5.71 26.49 -0.70
C GLU A 281 -5.25 27.11 0.61
N LEU A 282 -4.87 26.28 1.58
CA LEU A 282 -4.41 26.77 2.85
C LEU A 282 -3.12 27.58 2.69
N SER A 283 -2.25 27.14 1.79
CA SER A 283 -0.99 27.87 1.58
C SER A 283 -1.28 29.27 1.05
N GLU A 284 -2.26 29.42 0.17
CA GLU A 284 -2.57 30.75 -0.34
C GLU A 284 -3.15 31.63 0.76
N LEU A 285 -3.98 31.05 1.62
CA LEU A 285 -4.52 31.83 2.74
C LEU A 285 -3.38 32.32 3.63
N LEU A 286 -2.43 31.43 3.94
CA LEU A 286 -1.29 31.81 4.75
C LEU A 286 -0.52 32.97 4.10
N ARG A 287 -0.31 32.91 2.79
CA ARG A 287 0.41 34.00 2.13
C ARG A 287 -0.36 35.31 2.27
N ARG A 288 -1.67 35.27 2.13
CA ARG A 288 -2.45 36.49 2.25
C ARG A 288 -2.46 37.01 3.67
N MET A 289 -2.18 36.18 4.66
CA MET A 289 -2.02 36.64 6.03
C MET A 289 -0.58 36.92 6.40
N GLY A 290 0.31 36.93 5.41
CA GLY A 290 1.70 37.21 5.68
C GLY A 290 2.47 36.09 6.35
N ALA A 291 2.15 34.85 6.04
CA ALA A 291 2.83 33.72 6.64
C ALA A 291 3.39 32.84 5.53
N GLU A 292 4.56 32.30 5.75
CA GLU A 292 5.18 31.41 4.77
C GLU A 292 4.55 30.01 4.85
N PRO A 293 4.04 29.48 3.73
CA PRO A 293 3.46 28.13 3.75
C PRO A 293 4.54 27.06 3.92
N LEU A 294 4.08 25.82 4.09
CA LEU A 294 4.96 24.71 4.29
C LEU A 294 5.03 23.81 3.07
N ASN A 295 6.12 23.04 3.01
CA ASN A 295 6.29 21.93 2.09
C ASN A 295 5.61 20.71 2.69
N LEU A 296 4.43 20.35 2.18
CA LEU A 296 3.61 19.38 2.90
C LEU A 296 4.34 18.07 3.12
N LEU A 297 5.00 17.55 2.06
CA LEU A 297 5.63 16.24 2.21
C LEU A 297 6.78 16.27 3.20
N ARG A 298 7.60 17.31 3.15
CA ARG A 298 8.73 17.39 4.07
C ARG A 298 8.23 17.58 5.50
N PHE A 299 7.21 18.40 5.69
CA PHE A 299 6.58 18.56 6.99
C PHE A 299 6.10 17.24 7.54
N LEU A 300 5.37 16.47 6.75
CA LEU A 300 4.87 15.19 7.24
C LEU A 300 6.02 14.22 7.55
N ASN A 301 6.99 14.10 6.63
CA ASN A 301 8.06 13.13 6.81
C ASN A 301 9.00 13.52 7.94
N ASP A 302 9.45 14.77 7.95
CA ASP A 302 10.53 15.20 8.83
C ASP A 302 10.03 15.58 10.20
N ASP A 303 8.83 16.12 10.29
CA ASP A 303 8.38 16.63 11.59
C ASP A 303 7.49 15.63 12.33
N ASN A 304 6.90 14.69 11.60
CA ASN A 304 5.88 13.82 12.15
C ASN A 304 6.31 12.36 12.11
N TYR A 305 6.29 11.71 10.92
CA TYR A 305 6.72 10.31 10.83
C TYR A 305 7.47 10.07 9.52
N PRO A 306 8.73 9.67 9.57
CA PRO A 306 9.50 9.44 8.34
C PRO A 306 9.34 8.04 7.78
N VAL A 307 9.76 7.92 6.52
CA VAL A 307 9.93 6.63 5.87
C VAL A 307 11.32 6.55 5.23
N HIS A 308 11.61 5.40 4.63
CA HIS A 308 12.94 5.16 4.10
C HIS A 308 13.14 5.93 2.80
N GLU A 309 14.42 6.19 2.49
CA GLU A 309 14.79 6.84 1.24
C GLU A 309 14.31 6.08 0.01
N THR A 310 14.25 4.74 0.07
CA THR A 310 13.80 4.03 -1.13
C THR A 310 12.32 4.27 -1.39
N MET A 311 11.55 4.68 -0.38
CA MET A 311 10.15 5.00 -0.59
C MET A 311 9.98 6.48 -0.94
N LEU A 312 10.59 7.36 -0.14
CA LEU A 312 10.59 8.81 -0.39
C LEU A 312 12.02 9.31 -0.46
N PRO A 313 12.60 9.43 -1.64
CA PRO A 313 13.96 9.97 -1.74
C PRO A 313 14.04 11.39 -1.20
N ARG A 314 15.15 11.69 -0.54
CA ARG A 314 15.33 13.03 0.02
C ARG A 314 15.13 14.10 -1.04
N ALA A 315 15.60 13.87 -2.27
CA ALA A 315 15.43 14.90 -3.29
C ALA A 315 13.96 15.13 -3.61
N SER A 316 13.15 14.08 -3.55
CA SER A 316 11.72 14.22 -3.81
C SER A 316 11.06 14.96 -2.67
N ILE A 317 11.48 14.67 -1.44
CA ILE A 317 10.93 15.36 -0.27
C ILE A 317 11.23 16.85 -0.36
N ASP A 318 12.50 17.19 -0.54
CA ASP A 318 12.86 18.60 -0.53
C ASP A 318 12.26 19.35 -1.70
N GLY A 319 12.10 18.71 -2.85
CA GLY A 319 11.60 19.37 -4.03
C GLY A 319 10.11 19.32 -4.21
N PHE A 320 9.38 18.78 -3.23
CA PHE A 320 7.95 18.53 -3.38
C PHE A 320 7.17 19.74 -3.86
N ALA A 321 7.44 20.90 -3.28
CA ALA A 321 6.59 22.05 -3.60
C ALA A 321 6.70 22.48 -5.06
N GLU A 322 7.76 22.08 -5.76
CA GLU A 322 7.93 22.42 -7.17
C GLU A 322 7.70 21.23 -8.10
N ALA A 323 7.21 20.11 -7.58
CA ALA A 323 7.15 18.88 -8.36
C ALA A 323 5.95 18.79 -9.32
N GLY A 324 4.98 19.64 -9.18
CA GLY A 324 3.86 19.40 -10.12
C GLY A 324 2.84 18.43 -9.54
N ALA A 325 1.58 18.69 -9.88
CA ALA A 325 0.46 18.09 -9.14
C ALA A 325 0.47 16.57 -9.22
N GLU A 326 0.74 15.99 -10.40
CA GLU A 326 0.71 14.53 -10.49
C GLU A 326 1.78 13.90 -9.61
N ARG A 327 3.02 14.41 -9.70
CA ARG A 327 4.09 13.89 -8.87
C ARG A 327 3.82 14.11 -7.39
N GLN A 328 3.29 15.28 -7.02
CA GLN A 328 2.94 15.54 -5.63
C GLN A 328 1.95 14.51 -5.11
N GLU A 329 0.92 14.21 -5.91
CA GLU A 329 -0.08 13.25 -5.45
C GLU A 329 0.50 11.83 -5.36
N TYR A 330 1.32 11.44 -6.34
CA TYR A 330 1.98 10.15 -6.25
C TYR A 330 2.80 10.07 -4.97
N LEU A 331 3.57 11.11 -4.69
CA LEU A 331 4.44 11.09 -3.50
C LEU A 331 3.66 11.02 -2.21
N LEU A 332 2.56 11.76 -2.11
CA LEU A 332 1.73 11.67 -0.92
C LEU A 332 1.12 10.29 -0.77
N PHE A 333 0.67 9.68 -1.87
CA PHE A 333 0.11 8.35 -1.80
C PHE A 333 1.16 7.35 -1.32
N VAL A 334 2.36 7.41 -1.92
CA VAL A 334 3.44 6.52 -1.52
C VAL A 334 3.73 6.69 -0.03
N ARG A 335 3.74 7.94 0.45
CA ARG A 335 4.02 8.18 1.86
C ARG A 335 3.05 7.42 2.75
N TYR A 336 1.74 7.51 2.46
CA TYR A 336 0.77 6.85 3.32
C TYR A 336 0.74 5.35 3.12
N ALA A 337 1.02 4.86 1.90
CA ALA A 337 1.17 3.42 1.71
C ALA A 337 2.41 2.90 2.42
N ALA A 338 3.48 3.70 2.47
CA ALA A 338 4.68 3.28 3.17
C ALA A 338 4.47 3.23 4.67
N LEU A 339 3.51 3.98 5.21
CA LEU A 339 3.21 3.99 6.63
C LEU A 339 2.06 3.08 7.01
N LEU A 340 1.62 2.19 6.13
CA LEU A 340 0.64 1.21 6.56
C LEU A 340 1.20 0.35 7.68
N VAL A 341 2.52 0.13 7.66
CA VAL A 341 3.27 -0.40 8.80
C VAL A 341 4.29 0.67 9.22
N ASP A 342 4.88 0.46 10.41
CA ASP A 342 5.97 1.32 10.85
C ASP A 342 7.24 0.72 10.26
N PRO A 343 7.85 1.31 9.23
CA PRO A 343 8.95 0.61 8.55
C PRO A 343 10.19 0.58 9.38
N PHE A 344 10.25 1.35 10.46
CA PHE A 344 11.42 1.32 11.33
C PHE A 344 11.21 0.48 12.58
N SER A 345 10.02 -0.10 12.73
CA SER A 345 9.79 -1.04 13.81
C SER A 345 10.55 -2.34 13.55
N PRO A 346 10.80 -3.11 14.60
CA PRO A 346 11.40 -4.43 14.38
C PRO A 346 10.46 -5.38 13.64
N ALA A 347 11.05 -6.19 12.76
CA ALA A 347 10.28 -7.23 12.10
C ALA A 347 10.02 -8.38 13.08
N ASP A 348 8.86 -9.02 12.91
CA ASP A 348 8.56 -10.19 13.73
C ASP A 348 9.14 -11.42 13.05
N GLU A 349 8.82 -12.60 13.61
CA GLU A 349 9.33 -13.88 13.11
C GLU A 349 9.00 -14.11 11.65
N GLN A 350 7.90 -13.53 11.17
CA GLN A 350 7.42 -13.71 9.82
C GLN A 350 7.79 -12.55 8.90
N GLY A 351 8.59 -11.59 9.37
CA GLY A 351 9.02 -10.50 8.52
C GLY A 351 8.05 -9.34 8.47
N ARG A 352 7.06 -9.31 9.36
CA ARG A 352 6.06 -8.25 9.37
C ARG A 352 6.44 -7.15 10.36
N HIS A 353 6.08 -5.94 10.02
CA HIS A 353 6.36 -4.79 10.87
C HIS A 353 5.08 -4.37 11.57
N PHE A 354 5.24 -3.49 12.55
CA PHE A 354 4.12 -3.07 13.38
C PHE A 354 3.04 -2.43 12.51
N ASP A 355 1.78 -2.76 12.81
CA ASP A 355 0.62 -2.31 12.03
C ASP A 355 0.24 -0.89 12.48
N PHE A 356 1.05 0.07 12.02
CA PHE A 356 0.89 1.47 12.41
C PHE A 356 -0.42 2.07 11.93
N SER A 357 -0.97 1.58 10.83
CA SER A 357 -2.16 2.19 10.25
C SER A 357 -3.46 1.68 10.87
N ALA A 358 -3.38 0.67 11.73
CA ALA A 358 -4.57 0.08 12.35
C ALA A 358 -5.12 0.88 13.52
N VAL A 359 -5.29 2.19 13.33
CA VAL A 359 -5.99 3.04 14.29
C VAL A 359 -7.47 2.94 14.00
N PRO A 360 -8.29 2.33 14.87
CA PRO A 360 -9.71 2.23 14.55
C PRO A 360 -10.38 3.58 14.65
N PHE A 361 -11.39 3.76 13.80
CA PHE A 361 -12.30 4.89 13.92
C PHE A 361 -13.08 4.79 15.23
N ARG A 362 -13.08 5.89 15.97
CA ARG A 362 -14.10 6.12 16.99
C ARG A 362 -15.41 6.47 16.30
N ARG A 363 -16.51 6.04 16.89
CA ARG A 363 -17.82 6.22 16.27
C ARG A 363 -18.78 6.95 17.18
N VAL A 364 -19.92 7.31 16.61
CA VAL A 364 -21.00 7.98 17.34
C VAL A 364 -21.36 7.14 18.56
N SER A 365 -21.75 7.80 19.63
CA SER A 365 -22.17 7.12 20.83
C SER A 365 -23.16 8.02 21.53
N ARG A 366 -24.03 7.42 22.32
CA ARG A 366 -25.04 8.17 23.06
C ARG A 366 -24.45 8.68 24.38
N ASP A 367 -24.81 9.92 24.73
CA ASP A 367 -24.33 10.54 25.94
C ASP A 367 -25.28 10.20 27.09
N GLU A 368 -25.05 10.81 28.24
CA GLU A 368 -25.83 10.44 29.43
C GLU A 368 -27.25 10.99 29.39
N ASP A 369 -27.57 11.81 28.40
CA ASP A 369 -28.92 12.26 28.13
C ASP A 369 -29.58 11.46 27.02
N GLY A 370 -28.92 10.41 26.53
CA GLY A 370 -29.43 9.59 25.47
C GLY A 370 -29.28 10.16 24.07
N LEU A 371 -28.48 11.21 23.91
CA LEU A 371 -28.35 11.88 22.62
C LEU A 371 -27.07 11.41 21.93
N TRP A 372 -27.19 11.17 20.63
CA TRP A 372 -26.00 10.84 19.85
C TRP A 372 -25.04 12.01 19.86
N ARG A 373 -23.74 11.69 20.02
CA ARG A 373 -22.68 12.66 19.91
C ARG A 373 -21.65 12.13 18.92
N LEU A 374 -21.06 13.04 18.18
CA LEU A 374 -20.00 12.72 17.25
C LEU A 374 -18.67 12.67 18.00
N PRO A 375 -17.77 11.79 17.59
CA PRO A 375 -16.43 11.83 18.15
C PRO A 375 -15.68 13.05 17.67
N ARG A 376 -14.62 13.36 18.42
CA ARG A 376 -13.82 14.55 18.14
C ARG A 376 -13.27 14.53 16.72
N VAL A 377 -12.79 13.37 16.27
CA VAL A 377 -12.63 13.12 14.84
C VAL A 377 -13.98 12.63 14.33
N PRO A 378 -14.74 13.41 13.57
CA PRO A 378 -14.37 14.63 12.86
C PRO A 378 -15.03 15.93 13.29
N LEU A 379 -15.78 15.96 14.38
CA LEU A 379 -16.44 17.18 14.81
C LEU A 379 -15.45 18.34 14.96
N GLU A 380 -14.36 18.11 15.70
CA GLU A 380 -13.38 19.17 15.88
C GLU A 380 -12.77 19.57 14.53
N ASP A 381 -12.44 18.58 13.70
CA ASP A 381 -11.86 18.87 12.39
C ASP A 381 -12.82 19.66 11.51
N TYR A 382 -14.11 19.34 11.55
CA TYR A 382 -15.09 20.09 10.77
C TYR A 382 -15.18 21.52 11.26
N ARG A 383 -15.25 21.70 12.56
CA ARG A 383 -15.45 23.05 13.12
C ARG A 383 -14.24 23.92 12.81
N LYS A 384 -13.04 23.35 12.92
CA LYS A 384 -11.86 24.11 12.55
C LYS A 384 -11.90 24.54 11.09
N LEU A 385 -12.19 23.61 10.18
CA LEU A 385 -12.09 23.94 8.76
C LEU A 385 -13.20 24.89 8.36
N ALA A 386 -14.38 24.74 8.94
CA ALA A 386 -15.45 25.69 8.67
C ALA A 386 -15.06 27.12 9.06
N LEU A 387 -14.37 27.28 10.18
CA LEU A 387 -13.91 28.60 10.61
C LEU A 387 -12.87 29.15 9.66
N ILE A 388 -11.93 28.30 9.23
CA ILE A 388 -10.90 28.71 8.30
C ILE A 388 -11.51 29.15 6.97
N VAL A 389 -12.49 28.41 6.46
CA VAL A 389 -13.13 28.78 5.19
C VAL A 389 -13.85 30.11 5.35
N ALA A 390 -14.54 30.29 6.46
CA ALA A 390 -15.23 31.56 6.67
C ALA A 390 -14.23 32.70 6.77
N LEU A 391 -13.07 32.48 7.41
CA LEU A 391 -12.03 33.50 7.46
C LEU A 391 -11.50 33.80 6.06
N ALA A 392 -11.29 32.75 5.27
CA ALA A 392 -10.67 32.95 3.96
C ALA A 392 -11.55 33.79 3.06
N ALA A 393 -12.87 33.73 3.26
CA ALA A 393 -13.77 34.55 2.44
C ALA A 393 -13.46 36.04 2.59
N HIS A 394 -12.98 36.47 3.76
CA HIS A 394 -12.58 37.86 3.95
C HIS A 394 -11.34 38.25 3.16
N PHE A 395 -10.53 37.25 2.78
CA PHE A 395 -9.38 37.45 1.89
C PHE A 395 -9.74 37.12 0.44
N ASP A 396 -11.02 37.02 0.15
CA ASP A 396 -11.54 36.74 -1.19
C ASP A 396 -11.00 35.42 -1.73
N LEU A 397 -10.91 34.42 -0.87
CA LEU A 397 -10.50 33.08 -1.26
C LEU A 397 -11.69 32.15 -1.09
N ALA A 398 -12.11 31.49 -2.17
CA ALA A 398 -13.30 30.65 -2.08
C ALA A 398 -13.02 29.29 -1.46
N MET A 399 -11.79 28.77 -1.59
CA MET A 399 -11.41 27.49 -1.02
C MET A 399 -12.38 26.38 -1.42
N PRO A 400 -12.53 26.12 -2.72
CA PRO A 400 -13.52 25.11 -3.16
C PRO A 400 -13.26 23.70 -2.66
N GLN A 401 -11.99 23.26 -2.57
CA GLN A 401 -11.76 21.93 -2.04
C GLN A 401 -12.19 21.85 -0.60
N ALA A 402 -11.82 22.86 0.21
CA ALA A 402 -12.26 22.85 1.58
C ALA A 402 -13.79 22.81 1.65
N ARG A 403 -14.46 23.59 0.80
CA ARG A 403 -15.91 23.64 0.86
C ARG A 403 -16.50 22.29 0.46
N SER A 404 -15.84 21.55 -0.42
CA SER A 404 -16.35 20.25 -0.85
C SER A 404 -16.26 19.27 0.32
N LEU A 405 -15.20 19.41 1.12
CA LEU A 405 -15.05 18.55 2.29
C LEU A 405 -16.07 18.91 3.37
N LEU A 406 -16.29 20.21 3.60
CA LEU A 406 -17.36 20.62 4.50
C LEU A 406 -18.71 20.07 4.07
N ALA A 407 -19.00 20.15 2.76
CA ALA A 407 -20.29 19.68 2.27
C ALA A 407 -20.44 18.18 2.41
N SER A 408 -19.34 17.43 2.24
CA SER A 408 -19.37 15.99 2.45
C SER A 408 -19.76 15.64 3.89
N TYR A 409 -19.10 16.29 4.84
CA TYR A 409 -19.47 16.09 6.24
C TYR A 409 -20.92 16.47 6.47
N GLU A 410 -21.31 17.65 6.02
CA GLU A 410 -22.65 18.15 6.33
C GLU A 410 -23.71 17.22 5.78
N ASN A 411 -23.53 16.72 4.55
CA ASN A 411 -24.50 15.82 3.93
C ASN A 411 -24.60 14.53 4.74
N ALA A 412 -23.45 13.96 5.12
CA ALA A 412 -23.47 12.69 5.84
C ALA A 412 -24.14 12.84 7.19
N VAL A 413 -23.81 13.90 7.94
CA VAL A 413 -24.39 14.09 9.26
C VAL A 413 -25.88 14.40 9.14
N SER A 414 -26.24 15.22 8.15
CA SER A 414 -27.66 15.47 7.90
C SER A 414 -28.45 14.18 7.68
N ARG A 415 -27.90 13.25 6.89
CA ARG A 415 -28.61 11.98 6.65
C ARG A 415 -28.68 11.14 7.91
N PHE A 416 -27.66 11.22 8.78
CA PHE A 416 -27.71 10.52 10.07
C PHE A 416 -28.82 11.08 10.93
N ILE A 417 -28.97 12.41 10.98
CA ILE A 417 -30.06 13.02 11.72
C ILE A 417 -31.40 12.61 11.12
N ASP A 418 -31.48 12.61 9.79
CA ASP A 418 -32.70 12.14 9.13
C ASP A 418 -33.10 10.75 9.62
N CYS A 419 -32.11 9.84 9.68
CA CYS A 419 -32.39 8.44 10.00
CA CYS A 419 -32.39 8.44 10.00
C CYS A 419 -32.64 8.24 11.49
N GLN A 420 -31.84 8.88 12.34
CA GLN A 420 -31.95 8.65 13.77
C GLN A 420 -33.05 9.49 14.40
N GLY A 421 -33.32 10.67 13.84
CA GLY A 421 -34.30 11.57 14.40
C GLY A 421 -33.62 12.71 15.12
N ALA A 422 -34.00 13.94 14.78
CA ALA A 422 -33.46 15.10 15.46
C ALA A 422 -33.59 14.96 16.97
N SER A 423 -34.72 14.37 17.41
CA SER A 423 -35.00 14.17 18.81
C SER A 423 -33.87 13.48 19.55
N GLN A 424 -33.10 12.66 18.83
CA GLN A 424 -32.13 11.75 19.41
C GLN A 424 -30.70 12.25 19.26
N CYS A 425 -30.51 13.44 18.70
CA CYS A 425 -29.18 13.93 18.34
C CYS A 425 -28.82 15.17 19.14
N HIS A 426 -27.60 15.19 19.66
CA HIS A 426 -27.09 16.34 20.38
C HIS A 426 -27.00 17.52 19.42
N PRO A 427 -27.28 18.74 19.89
CA PRO A 427 -27.28 19.89 18.98
C PRO A 427 -25.93 20.18 18.34
N SER A 428 -24.84 19.63 18.86
CA SER A 428 -23.54 19.79 18.19
C SER A 428 -23.54 19.16 16.81
N LEU A 429 -24.52 18.31 16.49
CA LEU A 429 -24.60 17.73 15.16
C LEU A 429 -25.21 18.68 14.16
N TYR A 430 -25.70 19.82 14.60
CA TYR A 430 -26.49 20.68 13.76
C TYR A 430 -25.68 21.76 13.10
N PRO A 431 -26.23 22.33 12.04
CA PRO A 431 -25.57 23.35 11.30
C PRO A 431 -25.09 24.47 12.23
N ILE A 432 -23.90 24.92 12.03
CA ILE A 432 -23.39 26.01 12.77
C ILE A 432 -23.18 27.23 11.89
N ASP A 433 -22.86 28.38 12.49
CA ASP A 433 -22.58 29.60 11.74
C ASP A 433 -21.20 30.08 12.17
N SER A 434 -20.18 29.90 11.29
CA SER A 434 -18.86 30.37 11.64
C SER A 434 -18.61 31.82 11.24
N ARG A 435 -19.59 32.50 10.70
CA ARG A 435 -19.29 33.81 10.13
C ARG A 435 -19.02 34.82 11.24
N PRO A 436 -19.76 34.81 12.36
CA PRO A 436 -19.40 35.77 13.43
C PRO A 436 -17.97 35.63 13.93
N ALA A 437 -17.50 34.41 14.20
CA ALA A 437 -16.15 34.23 14.66
C ALA A 437 -15.14 34.66 13.59
N ALA A 438 -15.41 34.34 12.32
CA ALA A 438 -14.50 34.77 11.25
C ALA A 438 -14.46 36.29 11.14
N ASP A 439 -15.59 36.96 11.32
CA ASP A 439 -15.57 38.41 11.29
C ASP A 439 -14.75 38.98 12.43
N ALA A 440 -14.82 38.36 13.62
CA ALA A 440 -14.04 38.84 14.75
C ALA A 440 -12.56 38.66 14.51
N ILE A 441 -12.17 37.52 13.91
CA ILE A 441 -10.79 37.28 13.59
C ILE A 441 -10.29 38.35 12.61
N TYR A 442 -11.06 38.60 11.56
CA TYR A 442 -10.62 39.52 10.52
C TYR A 442 -10.50 40.93 11.07
N ARG A 443 -11.47 41.35 11.89
CA ARG A 443 -11.40 42.67 12.49
C ARG A 443 -10.19 42.79 13.40
N GLN A 444 -9.89 41.72 14.15
CA GLN A 444 -8.71 41.73 15.00
C GLN A 444 -7.45 41.82 14.16
N TRP A 445 -7.41 41.08 13.05
CA TRP A 445 -6.22 41.12 12.19
C TRP A 445 -6.03 42.51 11.60
N CYS A 446 -7.12 43.18 11.25
CA CYS A 446 -7.00 44.48 10.60
C CYS A 446 -6.70 45.62 11.57
N SER A 447 -6.88 45.40 12.87
CA SER A 447 -6.65 46.47 13.85
C SER A 447 -5.17 46.91 13.88
N SER B 23 -10.28 -34.25 -33.86
CA SER B 23 -9.36 -33.28 -34.46
C SER B 23 -8.04 -33.29 -33.69
N LEU B 24 -8.09 -33.71 -32.43
CA LEU B 24 -6.88 -33.78 -31.62
C LEU B 24 -6.09 -35.04 -31.94
N GLY B 25 -6.79 -36.12 -32.29
CA GLY B 25 -6.13 -37.39 -32.46
C GLY B 25 -5.51 -37.90 -31.18
N ASN B 26 -4.44 -38.66 -31.33
CA ASN B 26 -3.71 -39.20 -30.20
C ASN B 26 -2.77 -38.09 -29.72
N VAL B 27 -2.76 -37.85 -28.41
CA VAL B 27 -2.05 -36.72 -27.84
C VAL B 27 -0.91 -37.20 -26.94
N LEU B 28 0.28 -36.67 -27.19
CA LEU B 28 1.46 -36.96 -26.39
C LEU B 28 1.77 -35.76 -25.53
N LEU B 29 1.72 -35.95 -24.22
CA LEU B 29 2.08 -34.93 -23.24
C LEU B 29 3.57 -35.06 -22.94
N VAL B 30 4.33 -34.02 -23.28
CA VAL B 30 5.77 -34.00 -23.02
C VAL B 30 6.03 -33.25 -21.74
N GLY B 31 6.55 -33.95 -20.74
CA GLY B 31 6.71 -33.42 -19.41
C GLY B 31 5.48 -33.70 -18.57
N LEU B 32 5.46 -34.85 -17.87
CA LEU B 32 4.27 -35.33 -17.19
C LEU B 32 4.30 -34.83 -15.75
N GLY B 33 3.93 -33.57 -15.55
CA GLY B 33 3.87 -32.93 -14.26
C GLY B 33 2.48 -32.31 -14.03
N ALA B 34 2.48 -31.31 -13.15
CA ALA B 34 1.20 -30.71 -12.74
C ALA B 34 0.42 -30.20 -13.94
N VAL B 35 1.05 -29.39 -14.79
CA VAL B 35 0.39 -28.83 -15.96
C VAL B 35 -0.18 -29.94 -16.83
N ALA B 36 0.61 -30.98 -17.08
CA ALA B 36 0.15 -32.04 -17.96
C ALA B 36 -1.09 -32.75 -17.40
N ILE B 37 -1.18 -32.91 -16.08
CA ILE B 37 -2.32 -33.61 -15.51
C ILE B 37 -3.60 -32.79 -15.70
N GLN B 38 -3.53 -31.47 -15.47
CA GLN B 38 -4.67 -30.60 -15.75
C GLN B 38 -5.04 -30.69 -17.23
N VAL B 39 -4.05 -30.54 -18.11
CA VAL B 39 -4.33 -30.58 -19.54
C VAL B 39 -4.97 -31.89 -19.92
N ALA B 40 -4.48 -33.00 -19.35
CA ALA B 40 -5.00 -34.31 -19.71
C ALA B 40 -6.49 -34.41 -19.41
N LEU B 41 -6.91 -33.93 -18.23
CA LEU B 41 -8.34 -34.02 -17.91
C LEU B 41 -9.17 -33.11 -18.80
N ASP B 42 -8.67 -31.92 -19.13
CA ASP B 42 -9.38 -31.06 -20.07
C ASP B 42 -9.47 -31.72 -21.45
N LEU B 43 -8.41 -32.38 -21.90
CA LEU B 43 -8.47 -33.08 -23.17
C LEU B 43 -9.51 -34.19 -23.12
N ARG B 44 -9.60 -34.90 -21.99
CA ARG B 44 -10.55 -35.99 -21.89
C ARG B 44 -11.98 -35.47 -21.87
N ARG B 45 -12.22 -34.32 -21.21
CA ARG B 45 -13.57 -33.72 -21.23
C ARG B 45 -14.00 -33.40 -22.65
N HIS B 46 -13.08 -32.88 -23.46
CA HIS B 46 -13.38 -32.48 -24.82
C HIS B 46 -13.56 -33.69 -25.72
N GLY B 47 -12.61 -34.63 -25.65
CA GLY B 47 -12.64 -35.78 -26.53
C GLY B 47 -11.34 -35.88 -27.30
N ALA B 48 -10.60 -36.96 -27.09
CA ALA B 48 -9.34 -37.15 -27.78
C ALA B 48 -9.12 -38.64 -27.97
N GLY B 49 -8.05 -38.99 -28.66
CA GLY B 49 -7.71 -40.37 -28.87
C GLY B 49 -6.88 -40.92 -27.73
N ARG B 50 -5.85 -41.66 -28.07
CA ARG B 50 -4.98 -42.21 -27.04
C ARG B 50 -4.22 -41.08 -26.36
N LEU B 51 -3.92 -41.29 -25.09
CA LEU B 51 -3.14 -40.33 -24.31
C LEU B 51 -1.80 -40.95 -23.94
N GLY B 52 -0.70 -40.31 -24.36
CA GLY B 52 0.63 -40.77 -24.05
C GLY B 52 1.40 -39.64 -23.34
N ALA B 53 2.52 -40.03 -22.71
CA ALA B 53 3.37 -39.04 -22.06
C ALA B 53 4.81 -39.42 -22.26
N LEU B 54 5.64 -38.39 -22.38
CA LEU B 54 7.10 -38.50 -22.42
C LEU B 54 7.66 -37.67 -21.27
N ASN B 55 8.32 -38.33 -20.32
CA ASN B 55 8.96 -37.69 -19.20
C ASN B 55 10.40 -38.14 -19.13
N HIS B 56 11.33 -37.20 -19.14
CA HIS B 56 12.74 -37.61 -19.29
C HIS B 56 13.21 -38.37 -18.04
N PRO B 57 14.34 -39.13 -18.11
CA PRO B 57 14.73 -39.93 -16.96
C PRO B 57 14.98 -39.14 -15.73
N GLY B 58 14.82 -39.82 -14.61
CA GLY B 58 15.02 -39.17 -13.35
C GLY B 58 14.20 -39.88 -12.31
N ARG B 59 14.22 -39.36 -11.11
CA ARG B 59 13.47 -39.93 -10.03
C ARG B 59 11.96 -39.86 -10.24
N ARG B 60 11.48 -38.73 -10.74
CA ARG B 60 10.08 -38.61 -10.98
C ARG B 60 9.62 -39.66 -11.98
N SER B 61 10.36 -39.85 -13.05
CA SER B 61 9.97 -40.89 -14.00
C SER B 61 9.95 -42.27 -13.36
N GLN B 62 10.94 -42.56 -12.50
CA GLN B 62 10.94 -43.84 -11.81
C GLN B 62 9.69 -44.01 -10.95
N ARG B 63 9.30 -42.96 -10.24
CA ARG B 63 8.09 -43.02 -9.41
C ARG B 63 6.84 -43.17 -10.25
N ILE B 64 6.78 -42.46 -11.38
CA ILE B 64 5.65 -42.60 -12.30
C ILE B 64 5.55 -44.02 -12.82
N ALA B 65 6.69 -44.61 -13.23
CA ALA B 65 6.64 -45.94 -13.84
C ALA B 65 6.17 -46.98 -12.83
N GLU B 66 6.61 -46.86 -11.57
CA GLU B 66 6.13 -47.80 -10.56
C GLU B 66 4.65 -47.57 -10.27
N ALA B 67 4.22 -46.31 -10.18
CA ALA B 67 2.81 -46.05 -9.92
C ALA B 67 1.92 -46.60 -11.02
N LEU B 68 2.31 -46.38 -12.30
CA LEU B 68 1.57 -46.95 -13.41
C LEU B 68 1.54 -48.47 -13.34
N ALA B 69 2.66 -49.09 -12.97
CA ALA B 69 2.69 -50.54 -12.86
C ALA B 69 1.72 -51.04 -11.81
N ARG B 70 1.46 -50.23 -10.78
CA ARG B 70 0.55 -50.56 -9.70
C ARG B 70 -0.86 -50.06 -9.98
N GLY B 71 -1.14 -49.61 -11.20
CA GLY B 71 -2.48 -49.25 -11.62
C GLY B 71 -2.86 -47.79 -11.51
N ALA B 72 -1.92 -46.90 -11.23
CA ALA B 72 -2.24 -45.49 -11.09
C ALA B 72 -2.74 -44.90 -12.39
N CYS B 73 -3.57 -43.88 -12.26
CA CYS B 73 -4.03 -43.08 -13.39
C CYS B 73 -3.71 -41.62 -13.08
N LEU B 74 -3.90 -40.76 -14.07
CA LEU B 74 -3.78 -39.34 -13.84
C LEU B 74 -5.00 -38.87 -13.07
N GLN B 75 -4.77 -38.17 -11.97
CA GLN B 75 -5.85 -37.80 -11.06
C GLN B 75 -5.77 -36.32 -10.76
N LEU B 76 -6.83 -35.61 -11.08
CA LEU B 76 -6.89 -34.17 -10.91
C LEU B 76 -7.93 -33.88 -9.86
N GLU B 77 -7.58 -33.06 -8.88
CA GLU B 77 -8.56 -32.57 -7.92
C GLU B 77 -8.64 -31.07 -8.08
N GLY B 78 -9.87 -30.56 -8.14
CA GLY B 78 -10.11 -29.13 -8.13
C GLY B 78 -10.42 -28.74 -6.70
N GLN B 79 -9.73 -27.71 -6.23
CA GLN B 79 -9.90 -27.25 -4.86
C GLN B 79 -11.11 -26.31 -4.76
N GLY B 80 -11.82 -26.42 -3.65
CA GLY B 80 -12.85 -25.44 -3.33
C GLY B 80 -13.87 -25.35 -4.44
N GLN B 81 -14.04 -24.15 -4.98
CA GLN B 81 -15.07 -23.97 -6.00
C GLN B 81 -14.69 -24.56 -7.35
N HIS B 82 -13.44 -24.98 -7.44
CA HIS B 82 -13.02 -25.72 -8.61
C HIS B 82 -13.20 -27.23 -8.48
N ARG B 83 -13.97 -27.75 -7.52
CA ARG B 83 -14.17 -29.16 -7.40
C ARG B 83 -14.70 -29.90 -8.62
N TRP B 84 -15.48 -29.25 -9.46
CA TRP B 84 -15.98 -29.77 -10.66
C TRP B 84 -14.89 -30.10 -11.65
N LEU B 85 -13.69 -29.56 -11.49
CA LEU B 85 -12.60 -29.95 -12.37
C LEU B 85 -12.13 -31.37 -12.12
N SER B 86 -12.41 -31.92 -10.93
CA SER B 86 -11.78 -33.15 -10.48
C SER B 86 -12.20 -34.32 -11.37
N GLY B 87 -11.22 -35.19 -11.66
CA GLY B 87 -11.48 -36.35 -12.49
C GLY B 87 -10.23 -37.17 -12.63
N ASN B 88 -10.43 -38.38 -13.16
CA ASN B 88 -9.36 -39.32 -13.44
C ASN B 88 -9.22 -39.55 -14.93
N ALA B 89 -8.02 -39.90 -15.38
CA ALA B 89 -7.81 -40.24 -16.77
C ALA B 89 -6.70 -41.27 -16.89
N ALA B 90 -6.94 -42.28 -17.72
CA ALA B 90 -5.94 -43.32 -17.94
C ALA B 90 -4.81 -42.79 -18.81
N LEU B 91 -3.59 -43.18 -18.47
CA LEU B 91 -2.44 -42.96 -19.33
C LEU B 91 -2.23 -44.21 -20.17
N ASP B 92 -2.30 -44.08 -21.48
CA ASP B 92 -2.22 -45.24 -22.35
C ASP B 92 -0.79 -45.66 -22.67
N VAL B 93 0.13 -44.71 -22.71
CA VAL B 93 1.52 -44.95 -23.07
C VAL B 93 2.39 -44.04 -22.23
N PHE B 94 3.49 -44.58 -21.70
CA PHE B 94 4.48 -43.77 -20.98
C PHE B 94 5.86 -44.10 -21.52
N HIS B 95 6.59 -43.05 -21.93
CA HIS B 95 7.94 -43.14 -22.44
C HIS B 95 8.86 -42.23 -21.61
N GLN B 96 10.13 -42.58 -21.57
CA GLN B 96 11.15 -41.68 -21.07
C GLN B 96 12.13 -41.25 -22.14
N ASP B 97 12.30 -42.08 -23.18
CA ASP B 97 13.34 -41.90 -24.18
C ASP B 97 12.70 -41.42 -25.47
N PRO B 98 12.99 -40.20 -25.95
CA PRO B 98 12.35 -39.75 -27.18
C PRO B 98 12.59 -40.66 -28.37
N ALA B 99 13.73 -41.32 -28.44
CA ALA B 99 14.00 -42.20 -29.57
C ALA B 99 13.03 -43.38 -29.65
N GLU B 100 12.33 -43.67 -28.57
CA GLU B 100 11.43 -44.81 -28.53
C GLU B 100 10.01 -44.45 -29.00
N LEU B 101 9.75 -43.18 -29.38
CA LEU B 101 8.43 -42.79 -29.85
C LEU B 101 8.12 -43.39 -31.22
N ARG B 102 6.93 -43.94 -31.34
CA ARG B 102 6.36 -44.34 -32.61
C ARG B 102 5.66 -43.16 -33.24
N ASP B 103 5.45 -43.24 -34.56
CA ASP B 103 4.77 -42.20 -35.33
C ASP B 103 3.25 -42.36 -35.18
N ASP B 104 2.79 -42.25 -33.95
CA ASP B 104 1.40 -42.51 -33.61
C ASP B 104 0.70 -41.31 -32.98
N TRP B 105 1.29 -40.13 -33.06
CA TRP B 105 0.86 -38.97 -32.28
C TRP B 105 0.50 -37.85 -33.24
N GLN B 106 -0.73 -37.36 -33.13
CA GLN B 106 -1.13 -36.23 -33.95
C GLN B 106 -0.83 -34.90 -33.28
N THR B 107 -0.83 -34.86 -31.95
CA THR B 107 -0.73 -33.64 -31.18
C THR B 107 0.28 -33.84 -30.07
N LEU B 108 1.23 -32.92 -29.97
CA LEU B 108 2.15 -32.86 -28.84
C LEU B 108 1.87 -31.61 -28.02
N VAL B 109 1.85 -31.78 -26.70
CA VAL B 109 1.68 -30.67 -25.77
C VAL B 109 2.92 -30.58 -24.90
N LEU B 110 3.64 -29.47 -25.00
CA LEU B 110 4.87 -29.29 -24.23
C LEU B 110 4.53 -28.67 -22.88
N CYS B 111 4.61 -29.50 -21.83
CA CYS B 111 4.26 -29.16 -20.45
C CYS B 111 5.51 -29.09 -19.58
N VAL B 112 6.66 -29.00 -20.22
CA VAL B 112 7.95 -28.84 -19.57
C VAL B 112 8.20 -27.36 -19.29
N PRO B 113 9.20 -27.01 -18.46
CA PRO B 113 9.62 -25.60 -18.39
C PRO B 113 9.95 -25.04 -19.76
N ALA B 114 9.55 -23.78 -19.98
CA ALA B 114 9.76 -23.17 -21.28
C ALA B 114 11.24 -23.08 -21.63
N ASP B 115 12.13 -23.00 -20.63
CA ASP B 115 13.55 -22.99 -20.94
C ASP B 115 13.98 -24.28 -21.63
N SER B 116 13.19 -25.33 -21.50
CA SER B 116 13.51 -26.64 -22.05
C SER B 116 12.87 -26.89 -23.40
N TYR B 117 12.09 -25.95 -23.93
CA TYR B 117 11.40 -26.20 -25.19
C TYR B 117 12.38 -26.53 -26.32
N LEU B 118 13.44 -25.74 -26.47
CA LEU B 118 14.37 -25.98 -27.58
C LEU B 118 14.97 -27.37 -27.47
N ASP B 119 15.52 -27.70 -26.29
CA ASP B 119 16.11 -29.02 -26.06
C ASP B 119 15.12 -30.13 -26.34
N VAL B 120 13.90 -29.99 -25.83
CA VAL B 120 12.89 -31.01 -26.10
C VAL B 120 12.71 -31.21 -27.59
N VAL B 121 12.56 -30.11 -28.33
CA VAL B 121 12.23 -30.23 -29.74
C VAL B 121 13.42 -30.81 -30.50
N ARG B 122 14.64 -30.34 -30.19
CA ARG B 122 15.83 -30.89 -30.83
C ARG B 122 16.01 -32.38 -30.54
N GLY B 123 15.53 -32.84 -29.39
CA GLY B 123 15.71 -34.23 -29.05
C GLY B 123 14.73 -35.20 -29.67
N LEU B 124 13.62 -34.71 -30.28
CA LEU B 124 12.64 -35.61 -30.83
C LEU B 124 13.05 -36.08 -32.22
N PRO B 125 12.72 -37.32 -32.56
CA PRO B 125 13.08 -37.89 -33.88
C PRO B 125 12.10 -37.48 -34.98
N TRP B 126 12.10 -36.18 -35.29
CA TRP B 126 11.09 -35.60 -36.16
C TRP B 126 11.05 -36.25 -37.53
N GLU B 127 12.20 -36.75 -38.00
CA GLU B 127 12.19 -37.36 -39.32
C GLU B 127 11.31 -38.59 -39.40
N ARG B 128 10.91 -39.15 -38.24
CA ARG B 128 9.99 -40.29 -38.17
C ARG B 128 8.82 -39.98 -37.24
N LEU B 129 8.46 -38.71 -37.16
CA LEU B 129 7.24 -38.27 -36.50
C LEU B 129 6.41 -37.44 -37.46
N GLY B 130 6.36 -37.87 -38.73
CA GLY B 130 5.66 -37.11 -39.74
C GLY B 130 4.19 -36.98 -39.50
N GLY B 131 3.62 -37.80 -38.59
CA GLY B 131 2.21 -37.72 -38.28
C GLY B 131 1.82 -36.61 -37.34
N VAL B 132 2.80 -35.95 -36.72
CA VAL B 132 2.51 -34.86 -35.80
C VAL B 132 1.98 -33.69 -36.60
N ARG B 133 0.79 -33.21 -36.24
CA ARG B 133 0.19 -32.08 -36.92
C ARG B 133 0.21 -30.80 -36.10
N THR B 134 0.23 -30.91 -34.78
CA THR B 134 0.13 -29.76 -33.90
C THR B 134 1.09 -29.93 -32.72
N LEU B 135 1.79 -28.83 -32.38
CA LEU B 135 2.65 -28.77 -31.20
C LEU B 135 2.22 -27.55 -30.39
N LEU B 136 1.71 -27.77 -29.18
CA LEU B 136 1.23 -26.68 -28.33
C LEU B 136 2.26 -26.35 -27.26
N LEU B 137 2.64 -25.08 -27.21
CA LEU B 137 3.54 -24.54 -26.19
C LEU B 137 2.68 -23.88 -25.11
N VAL B 138 2.65 -24.47 -23.92
CA VAL B 138 1.70 -24.03 -22.88
C VAL B 138 2.15 -22.72 -22.25
N SER B 139 3.44 -22.48 -22.05
CA SER B 139 3.91 -21.23 -21.46
C SER B 139 4.91 -20.57 -22.40
N ALA B 140 4.43 -19.98 -23.50
CA ALA B 140 5.26 -19.46 -24.56
C ALA B 140 5.72 -18.03 -24.27
N PHE B 141 7.03 -17.85 -24.19
CA PHE B 141 7.67 -16.54 -24.08
C PHE B 141 7.83 -15.93 -25.46
N ILE B 142 8.17 -14.64 -25.51
CA ILE B 142 8.35 -13.97 -26.79
C ILE B 142 9.47 -14.67 -27.54
N GLY B 143 9.16 -15.19 -28.71
CA GLY B 143 10.12 -15.90 -29.53
C GLY B 143 10.04 -17.41 -29.45
N ALA B 144 9.23 -17.95 -28.56
CA ALA B 144 9.23 -19.39 -28.33
C ALA B 144 8.74 -20.14 -29.56
N ASN B 145 7.71 -19.63 -30.21
CA ASN B 145 7.18 -20.30 -31.40
C ASN B 145 8.25 -20.37 -32.49
N LEU B 146 8.94 -19.25 -32.71
CA LEU B 146 9.99 -19.16 -33.70
C LEU B 146 11.17 -20.04 -33.34
N LEU B 147 11.54 -20.07 -32.05
CA LEU B 147 12.64 -20.91 -31.61
C LEU B 147 12.35 -22.38 -31.89
N VAL B 148 11.13 -22.81 -31.56
CA VAL B 148 10.71 -24.19 -31.76
C VAL B 148 10.72 -24.52 -33.24
N ARG B 149 10.17 -23.63 -34.08
CA ARG B 149 10.14 -23.88 -35.53
C ARG B 149 11.53 -23.96 -36.13
N SER B 150 12.49 -23.24 -35.56
CA SER B 150 13.86 -23.28 -36.08
C SER B 150 14.51 -24.63 -35.87
N ALA B 151 14.02 -25.42 -34.93
CA ALA B 151 14.57 -26.74 -34.68
C ALA B 151 13.88 -27.83 -35.48
N LEU B 152 12.85 -27.50 -36.22
CA LEU B 152 12.10 -28.53 -36.92
C LEU B 152 12.73 -28.78 -38.30
N PRO B 153 12.58 -29.97 -38.83
CA PRO B 153 13.20 -30.22 -40.13
C PRO B 153 12.51 -29.55 -41.28
N ALA B 154 13.18 -29.27 -42.42
CA ALA B 154 12.51 -28.55 -43.49
C ALA B 154 11.42 -29.40 -44.02
N GLY B 155 10.31 -28.81 -44.37
CA GLY B 155 9.18 -29.58 -44.76
C GLY B 155 8.37 -30.19 -43.62
N CYS B 156 8.71 -29.97 -42.33
CA CYS B 156 7.96 -30.52 -41.26
C CYS B 156 6.63 -29.82 -41.37
N GLN B 157 5.59 -30.59 -41.25
CA GLN B 157 4.26 -30.06 -41.45
C GLN B 157 3.59 -29.65 -40.14
N ALA B 158 4.31 -29.68 -39.03
CA ALA B 158 3.66 -29.39 -37.75
C ALA B 158 3.33 -27.90 -37.61
N THR B 159 2.12 -27.62 -37.16
CA THR B 159 1.74 -26.28 -36.73
C THR B 159 2.12 -26.10 -35.28
N VAL B 160 2.67 -24.94 -34.95
CA VAL B 160 3.13 -24.67 -33.59
C VAL B 160 2.19 -23.63 -33.00
N LEU B 161 1.59 -23.95 -31.84
CA LEU B 161 0.69 -23.05 -31.13
C LEU B 161 1.39 -22.49 -29.91
N SER B 162 1.18 -21.19 -29.67
CA SER B 162 1.70 -20.48 -28.49
C SER B 162 0.54 -20.05 -27.60
N LEU B 163 0.50 -20.58 -26.38
CA LEU B 163 -0.41 -20.10 -25.35
C LEU B 163 0.33 -19.06 -24.51
N SER B 164 -0.37 -17.98 -24.14
CA SER B 164 0.29 -16.86 -23.49
C SER B 164 0.90 -17.26 -22.15
N SER B 165 0.28 -18.20 -21.47
CA SER B 165 0.76 -18.76 -20.21
C SER B 165 -0.15 -19.91 -19.82
N TYR B 166 0.36 -20.76 -18.92
CA TYR B 166 -0.47 -21.78 -18.32
C TYR B 166 -1.71 -21.10 -17.74
N TYR B 167 -2.83 -21.81 -17.80
CA TYR B 167 -4.14 -21.21 -17.54
C TYR B 167 -4.69 -21.50 -16.14
N ALA B 168 -3.87 -22.07 -15.25
CA ALA B 168 -4.35 -22.42 -13.93
C ALA B 168 -3.18 -22.34 -12.95
N ALA B 169 -3.43 -22.79 -11.72
CA ALA B 169 -2.42 -22.92 -10.68
C ALA B 169 -2.57 -24.34 -10.15
N THR B 170 -1.58 -25.18 -10.44
CA THR B 170 -1.68 -26.61 -10.23
C THR B 170 -0.36 -27.10 -9.63
N LYS B 171 -0.45 -28.04 -8.70
CA LYS B 171 0.75 -28.61 -8.10
C LYS B 171 0.52 -30.10 -7.86
N VAL B 172 1.58 -30.88 -7.99
CA VAL B 172 1.54 -32.26 -7.54
C VAL B 172 1.74 -32.24 -6.03
N ILE B 173 0.70 -32.62 -5.29
CA ILE B 173 0.67 -32.42 -3.84
C ILE B 173 1.82 -33.15 -3.18
N ASP B 174 2.05 -34.37 -3.59
CA ASP B 174 2.89 -35.30 -2.85
C ASP B 174 3.66 -36.13 -3.86
N GLU B 175 4.97 -35.93 -3.92
CA GLU B 175 5.77 -36.63 -4.95
C GLU B 175 5.67 -38.14 -4.83
N THR B 176 5.16 -38.66 -3.70
CA THR B 176 4.95 -40.09 -3.51
C THR B 176 3.70 -40.63 -4.20
N GLN B 177 2.75 -39.75 -4.59
CA GLN B 177 1.59 -40.10 -5.41
C GLN B 177 1.77 -39.26 -6.67
N PRO B 178 2.67 -39.66 -7.56
CA PRO B 178 3.23 -38.70 -8.53
C PRO B 178 2.26 -38.21 -9.57
N LEU B 179 1.14 -38.90 -9.80
CA LEU B 179 0.22 -38.52 -10.85
C LEU B 179 -1.04 -37.85 -10.31
N ARG B 180 -1.02 -37.40 -9.06
CA ARG B 180 -2.17 -36.75 -8.44
C ARG B 180 -1.88 -35.27 -8.26
N ALA B 181 -2.65 -34.43 -8.95
CA ALA B 181 -2.42 -32.99 -8.95
C ALA B 181 -3.63 -32.27 -8.39
N LEU B 182 -3.36 -31.10 -7.82
CA LEU B 182 -4.38 -30.21 -7.26
C LEU B 182 -4.32 -28.87 -7.97
N THR B 183 -5.44 -28.48 -8.56
CA THR B 183 -5.61 -27.15 -9.14
C THR B 183 -6.35 -26.28 -8.14
N LYS B 184 -5.74 -25.17 -7.74
CA LYS B 184 -6.36 -24.30 -6.74
C LYS B 184 -6.96 -23.02 -7.32
N ALA B 185 -6.69 -22.74 -8.59
CA ALA B 185 -7.21 -21.54 -9.23
C ALA B 185 -7.11 -21.72 -10.74
N VAL B 186 -7.97 -21.00 -11.44
CA VAL B 186 -7.96 -20.97 -12.90
C VAL B 186 -7.95 -19.50 -13.32
N LYS B 187 -7.18 -19.21 -14.35
CA LYS B 187 -7.06 -17.84 -14.81
C LYS B 187 -8.35 -17.37 -15.45
N ARG B 188 -8.48 -16.04 -15.51
CA ARG B 188 -9.62 -15.44 -16.18
C ARG B 188 -9.52 -15.60 -17.68
N ARG B 189 -8.33 -15.36 -18.23
CA ARG B 189 -8.15 -15.18 -19.66
C ARG B 189 -6.72 -15.53 -20.03
N VAL B 190 -6.56 -16.25 -21.15
CA VAL B 190 -5.27 -16.42 -21.82
C VAL B 190 -5.47 -16.20 -23.32
N TYR B 191 -4.35 -16.18 -24.06
CA TYR B 191 -4.37 -15.86 -25.48
C TYR B 191 -3.66 -17.00 -26.22
N LEU B 192 -4.06 -17.23 -27.47
CA LEU B 192 -3.55 -18.37 -28.23
C LEU B 192 -3.22 -17.93 -29.65
N GLY B 193 -1.96 -18.10 -30.06
CA GLY B 193 -1.54 -17.77 -31.41
C GLY B 193 -0.96 -18.98 -32.12
N SER B 194 -0.84 -18.91 -33.43
CA SER B 194 -0.46 -20.09 -34.22
C SER B 194 0.49 -19.68 -35.33
N SER B 195 1.43 -20.60 -35.62
CA SER B 195 2.35 -20.40 -36.73
C SER B 195 1.64 -20.45 -38.08
N ARG B 196 0.44 -20.99 -38.12
CA ARG B 196 -0.34 -21.07 -39.34
C ARG B 196 -1.30 -19.90 -39.36
N PRO B 197 -1.28 -19.04 -40.37
CA PRO B 197 -2.25 -17.94 -40.43
C PRO B 197 -3.68 -18.46 -40.38
N ASP B 198 -4.54 -17.72 -39.69
CA ASP B 198 -5.94 -18.09 -39.51
C ASP B 198 -6.04 -19.60 -39.28
N CYS B 199 -5.38 -20.03 -38.19
CA CYS B 199 -5.22 -21.43 -37.84
C CYS B 199 -6.51 -21.99 -37.25
N PRO B 200 -6.94 -23.18 -37.67
CA PRO B 200 -8.15 -23.77 -37.08
C PRO B 200 -7.90 -24.52 -35.79
N ALA B 201 -6.65 -24.89 -35.51
CA ALA B 201 -6.37 -25.60 -34.27
C ALA B 201 -6.56 -24.70 -33.08
N ARG B 202 -6.50 -23.37 -33.28
CA ARG B 202 -6.80 -22.45 -32.20
C ARG B 202 -8.18 -22.69 -31.64
N GLU B 203 -9.20 -22.81 -32.53
CA GLU B 203 -10.56 -22.96 -32.02
C GLU B 203 -10.71 -24.25 -31.25
N THR B 204 -10.11 -25.35 -31.72
CA THR B 204 -10.20 -26.60 -30.99
C THR B 204 -9.63 -26.43 -29.58
N TRP B 205 -8.43 -25.87 -29.49
CA TRP B 205 -7.82 -25.67 -28.18
C TRP B 205 -8.52 -24.57 -27.39
N ARG B 206 -9.12 -23.57 -28.04
CA ARG B 206 -9.96 -22.64 -27.31
C ARG B 206 -11.06 -23.39 -26.56
N ARG B 207 -11.73 -24.32 -27.26
CA ARG B 207 -12.79 -25.09 -26.63
C ARG B 207 -12.24 -25.99 -25.55
N VAL B 208 -11.13 -26.67 -25.81
CA VAL B 208 -10.57 -27.58 -24.81
C VAL B 208 -10.36 -26.84 -23.49
N LEU B 209 -9.63 -25.72 -23.54
CA LEU B 209 -9.28 -25.01 -22.32
C LEU B 209 -10.49 -24.31 -21.71
N ALA B 210 -11.48 -23.94 -22.52
CA ALA B 210 -12.67 -23.32 -21.96
C ALA B 210 -13.39 -24.23 -20.97
N GLY B 211 -13.23 -25.55 -21.12
CA GLY B 211 -13.83 -26.48 -20.16
C GLY B 211 -13.37 -26.27 -18.74
N SER B 212 -12.16 -25.72 -18.56
CA SER B 212 -11.66 -25.39 -17.23
C SER B 212 -12.21 -24.08 -16.69
N GLY B 213 -12.92 -23.30 -17.53
CA GLY B 213 -13.45 -22.02 -17.12
C GLY B 213 -12.65 -20.82 -17.61
N VAL B 214 -11.44 -21.04 -18.15
CA VAL B 214 -10.63 -19.94 -18.67
C VAL B 214 -11.17 -19.53 -20.02
N GLU B 215 -11.14 -18.23 -20.29
CA GLU B 215 -11.47 -17.71 -21.63
C GLU B 215 -10.21 -17.65 -22.46
N VAL B 216 -10.19 -18.35 -23.60
CA VAL B 216 -9.06 -18.31 -24.53
C VAL B 216 -9.42 -17.35 -25.65
N VAL B 217 -8.57 -16.36 -25.85
CA VAL B 217 -8.73 -15.36 -26.90
C VAL B 217 -7.73 -15.67 -28.01
N PRO B 218 -8.18 -16.13 -29.17
CA PRO B 218 -7.25 -16.33 -30.27
C PRO B 218 -6.75 -15.01 -30.83
N LEU B 219 -5.43 -14.96 -31.10
CA LEU B 219 -4.80 -13.80 -31.71
C LEU B 219 -4.12 -14.20 -33.01
N ALA B 220 -3.77 -13.20 -33.83
CA ALA B 220 -3.44 -13.44 -35.21
C ALA B 220 -2.04 -13.98 -35.42
N THR B 221 -1.13 -13.82 -34.47
CA THR B 221 0.21 -14.36 -34.60
C THR B 221 0.67 -14.92 -33.26
N PRO B 222 1.70 -15.77 -33.28
CA PRO B 222 2.22 -16.31 -32.01
C PRO B 222 2.72 -15.24 -31.07
N GLU B 223 3.44 -14.24 -31.59
CA GLU B 223 4.10 -13.28 -30.72
C GLU B 223 3.08 -12.38 -30.03
N ALA B 224 1.91 -12.18 -30.62
CA ALA B 224 0.88 -11.42 -29.93
C ALA B 224 0.41 -12.13 -28.67
N ALA B 225 0.31 -13.46 -28.73
CA ALA B 225 -0.01 -14.22 -27.53
C ALA B 225 1.18 -14.28 -26.56
N GLU B 226 2.39 -14.52 -27.08
CA GLU B 226 3.58 -14.55 -26.24
C GLU B 226 3.80 -13.24 -25.50
N GLY B 227 3.45 -12.14 -26.14
CA GLY B 227 3.55 -10.82 -25.57
C GLY B 227 2.57 -10.52 -24.48
N ARG B 228 1.66 -11.45 -24.18
CA ARG B 228 0.67 -11.30 -23.13
C ARG B 228 0.93 -12.30 -22.01
N ASN B 229 2.19 -12.69 -21.86
CA ASN B 229 2.66 -13.51 -20.73
C ASN B 229 2.90 -12.61 -19.52
N VAL B 230 2.08 -12.76 -18.48
CA VAL B 230 2.04 -11.79 -17.38
C VAL B 230 3.35 -11.76 -16.60
N THR B 231 3.96 -12.93 -16.34
CA THR B 231 5.14 -12.92 -15.50
C THR B 231 6.30 -12.18 -16.16
N THR B 232 6.32 -12.09 -17.49
CA THR B 232 7.34 -11.29 -18.16
C THR B 232 7.32 -9.85 -17.68
N TYR B 233 6.11 -9.28 -17.49
CA TYR B 233 5.97 -7.90 -17.10
C TYR B 233 6.07 -7.70 -15.60
N VAL B 234 5.68 -8.68 -14.80
CA VAL B 234 5.59 -8.51 -13.34
C VAL B 234 6.80 -9.08 -12.63
N HIS B 235 7.16 -10.35 -12.93
CA HIS B 235 8.28 -10.97 -12.25
C HIS B 235 9.60 -10.28 -12.57
N SER B 236 9.79 -9.84 -13.82
CA SER B 236 11.05 -9.23 -14.19
C SER B 236 11.40 -8.02 -13.33
N PRO B 237 10.54 -7.00 -13.23
CA PRO B 237 10.92 -5.84 -12.41
C PRO B 237 10.95 -6.12 -10.92
N PHE B 238 10.09 -7.02 -10.41
CA PHE B 238 9.99 -7.17 -8.98
C PHE B 238 10.95 -8.20 -8.40
N PHE B 239 11.25 -9.29 -9.14
CA PHE B 239 11.97 -10.41 -8.55
C PHE B 239 13.37 -10.57 -9.12
N LEU B 240 13.80 -9.68 -10.00
CA LEU B 240 15.20 -9.59 -10.41
C LEU B 240 15.93 -8.43 -9.75
N GLY B 241 15.26 -7.68 -8.87
CA GLY B 241 15.86 -6.55 -8.19
C GLY B 241 16.57 -6.94 -6.91
N GLU B 242 17.24 -5.95 -6.30
CA GLU B 242 18.13 -6.22 -5.19
C GLU B 242 17.37 -6.80 -3.99
N PHE B 243 16.20 -6.23 -3.65
CA PHE B 243 15.48 -6.72 -2.48
C PHE B 243 15.12 -8.19 -2.64
N ALA B 244 14.50 -8.54 -3.77
CA ALA B 244 14.05 -9.92 -3.96
C ALA B 244 15.22 -10.89 -3.89
N LEU B 245 16.33 -10.56 -4.55
CA LEU B 245 17.44 -11.48 -4.60
C LEU B 245 18.05 -11.67 -3.23
N ALA B 246 18.06 -10.61 -2.40
CA ALA B 246 18.53 -10.72 -1.03
C ALA B 246 17.68 -11.70 -0.24
N ARG B 247 16.34 -11.65 -0.42
CA ARG B 247 15.47 -12.62 0.23
C ARG B 247 15.73 -14.03 -0.32
N ILE B 248 15.77 -14.15 -1.65
CA ILE B 248 15.84 -15.45 -2.31
C ILE B 248 17.13 -16.17 -1.95
N LEU B 249 18.23 -15.43 -1.84
CA LEU B 249 19.54 -16.00 -1.59
C LEU B 249 19.84 -16.15 -0.10
N SER B 250 18.89 -15.75 0.74
CA SER B 250 19.11 -15.79 2.19
C SER B 250 18.79 -17.17 2.72
N GLU B 251 19.41 -17.48 3.85
CA GLU B 251 19.24 -18.76 4.55
C GLU B 251 18.56 -18.57 5.89
N GLN B 252 18.90 -17.52 6.61
CA GLN B 252 18.33 -17.26 7.92
C GLN B 252 17.34 -16.12 7.84
N GLY B 253 16.41 -16.14 8.79
CA GLY B 253 15.45 -15.09 8.93
C GLY B 253 14.21 -15.38 8.12
N PRO B 254 13.21 -14.50 8.23
CA PRO B 254 11.99 -14.70 7.47
C PRO B 254 12.25 -14.47 5.98
N PRO B 255 11.49 -15.14 5.12
CA PRO B 255 11.75 -15.01 3.67
C PRO B 255 11.25 -13.71 3.06
N GLY B 256 10.44 -12.92 3.78
CA GLY B 256 9.81 -11.77 3.15
C GLY B 256 8.68 -12.21 2.23
N PHE B 257 8.01 -11.21 1.64
CA PHE B 257 6.77 -11.43 0.92
C PHE B 257 6.85 -10.84 -0.48
N MET B 258 6.37 -11.62 -1.47
CA MET B 258 6.61 -11.27 -2.86
C MET B 258 5.95 -9.98 -3.27
N TYR B 259 4.78 -9.65 -2.73
CA TYR B 259 3.99 -8.55 -3.28
C TYR B 259 3.72 -7.48 -2.23
N LYS B 260 4.48 -7.44 -1.16
CA LYS B 260 4.35 -6.34 -0.20
C LYS B 260 5.29 -5.19 -0.52
N LEU B 261 4.99 -4.05 0.11
CA LEU B 261 5.81 -2.87 -0.08
C LEU B 261 7.06 -2.96 0.81
N TYR B 262 8.10 -2.29 0.39
CA TYR B 262 9.30 -2.20 1.22
C TYR B 262 8.92 -1.63 2.59
N PRO B 263 9.48 -2.15 3.69
CA PRO B 263 10.51 -3.19 3.83
C PRO B 263 10.00 -4.63 3.97
N GLU B 264 8.71 -4.87 3.83
CA GLU B 264 8.16 -6.22 3.93
C GLU B 264 8.29 -7.00 2.64
N GLY B 265 8.41 -6.30 1.52
CA GLY B 265 8.45 -6.92 0.21
C GLY B 265 9.20 -5.98 -0.70
N PRO B 266 9.30 -6.34 -1.98
CA PRO B 266 10.17 -5.62 -2.91
C PRO B 266 9.54 -4.43 -3.59
N ILE B 267 8.26 -4.15 -3.36
CA ILE B 267 7.61 -3.13 -4.17
C ILE B 267 7.94 -1.74 -3.62
N THR B 268 8.51 -0.92 -4.48
CA THR B 268 8.96 0.43 -4.21
C THR B 268 8.62 1.26 -5.43
N PRO B 269 8.65 2.58 -5.30
CA PRO B 269 8.51 3.39 -6.51
C PRO B 269 9.57 3.05 -7.56
N GLY B 270 10.79 2.72 -7.14
CA GLY B 270 11.79 2.31 -8.11
C GLY B 270 11.43 1.05 -8.86
N ALA B 271 10.86 0.06 -8.16
CA ALA B 271 10.43 -1.17 -8.82
C ALA B 271 9.30 -0.90 -9.80
N ILE B 272 8.42 0.04 -9.46
CA ILE B 272 7.31 0.37 -10.34
C ILE B 272 7.83 1.13 -11.56
N GLY B 273 8.85 1.96 -11.40
CA GLY B 273 9.49 2.60 -12.54
C GLY B 273 10.14 1.60 -13.47
N ALA B 274 10.81 0.60 -12.90
CA ALA B 274 11.36 -0.50 -13.71
C ALA B 274 10.25 -1.21 -14.47
N MET B 275 9.12 -1.47 -13.81
CA MET B 275 7.99 -2.12 -14.47
C MET B 275 7.49 -1.31 -15.66
N ARG B 276 7.31 -0.02 -15.47
CA ARG B 276 6.83 0.80 -16.58
C ARG B 276 7.85 0.80 -17.71
N ARG B 277 9.12 1.08 -17.41
CA ARG B 277 10.11 1.19 -18.47
C ARG B 277 10.28 -0.13 -19.21
N LEU B 278 10.26 -1.27 -18.49
CA LEU B 278 10.36 -2.55 -19.16
C LEU B 278 9.14 -2.80 -20.05
N TRP B 279 7.95 -2.40 -19.59
CA TRP B 279 6.78 -2.56 -20.43
C TRP B 279 6.93 -1.76 -21.72
N CYS B 280 7.44 -0.54 -21.64
CA CYS B 280 7.73 0.24 -22.83
C CYS B 280 8.70 -0.51 -23.74
N GLU B 281 9.76 -1.08 -23.15
CA GLU B 281 10.76 -1.77 -23.98
C GLU B 281 10.15 -3.00 -24.65
N LEU B 282 9.42 -3.81 -23.87
CA LEU B 282 8.79 -4.99 -24.42
C LEU B 282 7.77 -4.63 -25.49
N SER B 283 7.02 -3.55 -25.28
CA SER B 283 6.00 -3.15 -26.24
C SER B 283 6.62 -2.78 -27.58
N GLU B 284 7.74 -2.07 -27.57
CA GLU B 284 8.41 -1.75 -28.84
C GLU B 284 8.96 -2.99 -29.52
N LEU B 285 9.51 -3.94 -28.76
CA LEU B 285 9.93 -5.19 -29.37
C LEU B 285 8.76 -5.88 -30.05
N LEU B 286 7.62 -5.98 -29.36
CA LEU B 286 6.45 -6.60 -29.98
C LEU B 286 6.06 -5.88 -31.25
N ARG B 287 6.10 -4.55 -31.27
CA ARG B 287 5.75 -3.84 -32.48
C ARG B 287 6.70 -4.19 -33.61
N ARG B 288 8.00 -4.30 -33.32
CA ARG B 288 8.97 -4.63 -34.35
C ARG B 288 8.82 -6.05 -34.83
N MET B 289 8.23 -6.93 -34.03
CA MET B 289 7.93 -8.28 -34.47
C MET B 289 6.54 -8.43 -35.09
N GLY B 290 5.79 -7.36 -35.25
CA GLY B 290 4.50 -7.45 -35.87
C GLY B 290 3.37 -7.80 -34.93
N ALA B 291 3.50 -7.48 -33.65
CA ALA B 291 2.47 -7.78 -32.66
C ALA B 291 2.01 -6.50 -31.98
N GLU B 292 0.71 -6.40 -31.77
CA GLU B 292 0.16 -5.28 -31.01
C GLU B 292 0.47 -5.45 -29.52
N PRO B 293 1.08 -4.46 -28.89
CA PRO B 293 1.37 -4.57 -27.46
C PRO B 293 0.10 -4.37 -26.63
N LEU B 294 0.27 -4.56 -25.34
CA LEU B 294 -0.85 -4.53 -24.41
C LEU B 294 -0.79 -3.25 -23.58
N ASN B 295 -1.96 -2.89 -23.03
CA ASN B 295 -2.13 -1.85 -22.02
C ASN B 295 -1.87 -2.51 -20.69
N LEU B 296 -0.71 -2.23 -20.07
CA LEU B 296 -0.31 -2.99 -18.89
C LEU B 296 -1.36 -2.93 -17.79
N LEU B 297 -1.81 -1.73 -17.43
CA LEU B 297 -2.75 -1.60 -16.31
C LEU B 297 -4.06 -2.33 -16.60
N ARG B 298 -4.58 -2.22 -17.82
CA ARG B 298 -5.81 -2.91 -18.17
C ARG B 298 -5.64 -4.42 -18.17
N PHE B 299 -4.51 -4.89 -18.70
CA PHE B 299 -4.18 -6.31 -18.67
C PHE B 299 -4.10 -6.83 -17.25
N LEU B 300 -3.41 -6.12 -16.36
CA LEU B 300 -3.32 -6.58 -14.98
C LEU B 300 -4.67 -6.58 -14.30
N ASN B 301 -5.43 -5.49 -14.44
CA ASN B 301 -6.72 -5.38 -13.75
C ASN B 301 -7.73 -6.37 -14.31
N ASP B 302 -7.84 -6.46 -15.63
CA ASP B 302 -8.92 -7.20 -16.26
C ASP B 302 -8.58 -8.68 -16.47
N ASP B 303 -7.31 -9.02 -16.71
CA ASP B 303 -6.94 -10.41 -16.95
C ASP B 303 -6.44 -11.11 -15.71
N ASN B 304 -6.01 -10.36 -14.69
CA ASN B 304 -5.40 -10.97 -13.53
C ASN B 304 -6.17 -10.72 -12.26
N TYR B 305 -6.08 -9.50 -11.66
CA TYR B 305 -6.85 -9.23 -10.45
C TYR B 305 -7.37 -7.80 -10.45
N PRO B 306 -8.67 -7.60 -10.29
CA PRO B 306 -9.23 -6.24 -10.34
C PRO B 306 -9.23 -5.57 -8.97
N VAL B 307 -9.42 -4.25 -9.01
CA VAL B 307 -9.64 -3.46 -7.81
C VAL B 307 -10.82 -2.54 -8.07
N HIS B 308 -11.21 -1.84 -7.01
CA HIS B 308 -12.41 -1.04 -7.07
C HIS B 308 -12.18 0.23 -7.89
N GLU B 309 -13.28 0.75 -8.41
CA GLU B 309 -13.24 1.99 -9.17
C GLU B 309 -12.61 3.12 -8.37
N THR B 310 -12.81 3.15 -7.06
CA THR B 310 -12.26 4.28 -6.32
C THR B 310 -10.74 4.23 -6.23
N MET B 311 -10.14 3.05 -6.42
CA MET B 311 -8.68 2.96 -6.45
C MET B 311 -8.15 3.13 -7.88
N LEU B 312 -8.77 2.43 -8.83
CA LEU B 312 -8.39 2.55 -10.24
C LEU B 312 -9.64 2.83 -11.05
N PRO B 313 -9.91 4.09 -11.38
CA PRO B 313 -11.12 4.39 -12.17
C PRO B 313 -11.00 3.74 -13.54
N ARG B 314 -12.14 3.27 -14.05
CA ARG B 314 -12.15 2.63 -15.35
C ARG B 314 -11.53 3.51 -16.42
N ALA B 315 -11.79 4.82 -16.39
CA ALA B 315 -11.21 5.68 -17.40
C ALA B 315 -9.68 5.72 -17.30
N SER B 316 -9.14 5.60 -16.08
CA SER B 316 -7.70 5.59 -15.89
C SER B 316 -7.11 4.28 -16.40
N ILE B 317 -7.84 3.18 -16.18
CA ILE B 317 -7.40 1.88 -16.68
C ILE B 317 -7.34 1.90 -18.21
N ASP B 318 -8.45 2.29 -18.84
CA ASP B 318 -8.52 2.27 -20.28
C ASP B 318 -7.56 3.27 -20.91
N GLY B 319 -7.29 4.39 -20.25
CA GLY B 319 -6.45 5.43 -20.79
C GLY B 319 -4.99 5.29 -20.46
N PHE B 320 -4.63 4.22 -19.76
CA PHE B 320 -3.28 4.11 -19.21
C PHE B 320 -2.19 4.31 -20.25
N ALA B 321 -2.33 3.71 -21.44
CA ALA B 321 -1.23 3.76 -22.39
C ALA B 321 -0.93 5.18 -22.87
N GLU B 322 -1.87 6.11 -22.73
CA GLU B 322 -1.66 7.48 -23.18
C GLU B 322 -1.47 8.47 -22.03
N ALA B 323 -1.34 7.99 -20.79
CA ALA B 323 -1.35 8.86 -19.62
C ALA B 323 -0.03 9.55 -19.32
N GLY B 324 1.06 9.17 -19.95
CA GLY B 324 2.24 9.86 -19.46
C GLY B 324 2.89 9.12 -18.32
N ALA B 325 4.23 9.20 -18.27
CA ALA B 325 4.99 8.28 -17.44
C ALA B 325 4.69 8.44 -15.95
N GLU B 326 4.55 9.68 -15.47
CA GLU B 326 4.35 9.88 -14.05
C GLU B 326 3.01 9.28 -13.62
N ARG B 327 1.95 9.62 -14.34
CA ARG B 327 0.63 9.03 -14.05
C ARG B 327 0.65 7.52 -14.17
N GLN B 328 1.34 6.97 -15.19
CA GLN B 328 1.40 5.53 -15.33
C GLN B 328 2.06 4.87 -14.13
N GLU B 329 3.17 5.44 -13.65
CA GLU B 329 3.80 4.87 -12.45
C GLU B 329 2.91 5.02 -11.21
N TYR B 330 2.32 6.20 -11.02
CA TYR B 330 1.38 6.36 -9.93
C TYR B 330 0.30 5.30 -9.97
N LEU B 331 -0.32 5.10 -11.15
CA LEU B 331 -1.39 4.12 -11.26
C LEU B 331 -0.92 2.72 -10.94
N LEU B 332 0.27 2.33 -11.42
CA LEU B 332 0.77 0.99 -11.12
C LEU B 332 1.06 0.83 -9.64
N PHE B 333 1.63 1.86 -9.01
CA PHE B 333 1.86 1.79 -7.58
C PHE B 333 0.54 1.66 -6.83
N VAL B 334 -0.48 2.45 -7.22
CA VAL B 334 -1.78 2.34 -6.58
C VAL B 334 -2.32 0.93 -6.73
N ARG B 335 -2.19 0.36 -7.93
CA ARG B 335 -2.69 -0.99 -8.13
C ARG B 335 -2.09 -1.96 -7.12
N TYR B 336 -0.77 -1.96 -6.98
CA TYR B 336 -0.17 -2.96 -6.11
C TYR B 336 -0.44 -2.65 -4.64
N ALA B 337 -0.56 -1.36 -4.29
CA ALA B 337 -0.95 -1.03 -2.92
C ALA B 337 -2.38 -1.47 -2.64
N ALA B 338 -3.27 -1.30 -3.63
CA ALA B 338 -4.66 -1.70 -3.47
C ALA B 338 -4.79 -3.21 -3.32
N LEU B 339 -3.83 -3.97 -3.83
CA LEU B 339 -3.85 -5.41 -3.73
C LEU B 339 -2.98 -5.95 -2.60
N LEU B 340 -2.56 -5.11 -1.67
CA LEU B 340 -1.94 -5.68 -0.47
C LEU B 340 -2.90 -6.59 0.26
N VAL B 341 -4.20 -6.27 0.21
CA VAL B 341 -5.25 -7.18 0.62
C VAL B 341 -6.11 -7.46 -0.61
N ASP B 342 -6.97 -8.47 -0.50
CA ASP B 342 -7.90 -8.75 -1.58
C ASP B 342 -9.13 -7.89 -1.32
N PRO B 343 -9.37 -6.80 -2.08
CA PRO B 343 -10.44 -5.88 -1.70
C PRO B 343 -11.82 -6.46 -1.86
N PHE B 344 -11.97 -7.55 -2.59
CA PHE B 344 -13.26 -8.21 -2.82
C PHE B 344 -13.47 -9.40 -1.89
N SER B 345 -12.49 -9.73 -1.06
CA SER B 345 -12.66 -10.75 -0.06
C SER B 345 -13.63 -10.26 1.02
N PRO B 346 -14.27 -11.18 1.75
CA PRO B 346 -15.06 -10.75 2.91
C PRO B 346 -14.19 -10.13 4.00
N ALA B 347 -14.73 -9.11 4.62
CA ALA B 347 -14.09 -8.49 5.76
C ALA B 347 -14.27 -9.36 6.99
N ASP B 348 -13.28 -9.37 7.86
CA ASP B 348 -13.44 -10.10 9.11
C ASP B 348 -14.10 -9.18 10.14
N GLU B 349 -14.25 -9.69 11.36
CA GLU B 349 -14.92 -8.92 12.39
C GLU B 349 -14.19 -7.64 12.74
N GLN B 350 -12.87 -7.56 12.45
CA GLN B 350 -12.12 -6.33 12.64
C GLN B 350 -12.11 -5.41 11.43
N GLY B 351 -12.77 -5.76 10.35
CA GLY B 351 -12.74 -4.95 9.15
C GLY B 351 -11.57 -5.23 8.24
N ARG B 352 -10.82 -6.28 8.50
CA ARG B 352 -9.67 -6.59 7.68
C ARG B 352 -10.03 -7.52 6.53
N HIS B 353 -9.31 -7.37 5.43
CA HIS B 353 -9.52 -8.22 4.28
C HIS B 353 -8.36 -9.20 4.15
N PHE B 354 -8.58 -10.22 3.31
CA PHE B 354 -7.61 -11.28 3.17
C PHE B 354 -6.25 -10.72 2.75
N ASP B 355 -5.19 -11.24 3.40
CA ASP B 355 -3.82 -10.76 3.19
C ASP B 355 -3.28 -11.37 1.89
N PHE B 356 -3.75 -10.81 0.77
CA PHE B 356 -3.46 -11.30 -0.56
C PHE B 356 -1.98 -11.22 -0.89
N SER B 357 -1.28 -10.22 -0.37
CA SER B 357 0.11 -9.99 -0.76
C SER B 357 1.09 -10.84 0.02
N ALA B 358 0.63 -11.60 1.01
CA ALA B 358 1.53 -12.34 1.89
C ALA B 358 1.94 -13.67 1.25
N VAL B 359 2.41 -13.61 0.01
CA VAL B 359 2.99 -14.77 -0.66
C VAL B 359 4.47 -14.81 -0.28
N PRO B 360 4.93 -15.81 0.48
CA PRO B 360 6.34 -15.82 0.88
C PRO B 360 7.26 -16.11 -0.29
N PHE B 361 8.45 -15.50 -0.24
CA PHE B 361 9.49 -15.88 -1.19
C PHE B 361 9.91 -17.31 -0.92
N ARG B 362 9.94 -18.12 -1.99
CA ARG B 362 10.75 -19.33 -1.96
C ARG B 362 12.23 -18.94 -2.07
N ARG B 363 13.07 -19.73 -1.41
CA ARG B 363 14.48 -19.36 -1.33
C ARG B 363 15.36 -20.52 -1.80
N VAL B 364 16.65 -20.21 -1.91
CA VAL B 364 17.61 -21.19 -2.37
C VAL B 364 17.55 -22.40 -1.44
N SER B 365 17.84 -23.56 -1.99
CA SER B 365 17.77 -24.80 -1.23
C SER B 365 18.78 -25.77 -1.85
N ARG B 366 19.34 -26.63 -1.02
CA ARG B 366 20.24 -27.65 -1.53
C ARG B 366 19.46 -28.82 -2.11
N ASP B 367 19.90 -29.31 -3.27
CA ASP B 367 19.23 -30.41 -3.94
C ASP B 367 19.74 -31.74 -3.38
N GLU B 368 19.32 -32.85 -3.99
CA GLU B 368 19.68 -34.17 -3.46
C GLU B 368 21.18 -34.45 -3.58
N ASP B 369 21.89 -33.73 -4.44
CA ASP B 369 23.33 -33.84 -4.55
C ASP B 369 24.06 -32.85 -3.64
N GLY B 370 23.32 -32.09 -2.84
CA GLY B 370 23.88 -31.15 -1.91
C GLY B 370 24.19 -29.80 -2.50
N LEU B 371 23.70 -29.51 -3.69
CA LEU B 371 24.06 -28.32 -4.44
C LEU B 371 22.96 -27.27 -4.33
N TRP B 372 23.36 -26.03 -4.10
CA TRP B 372 22.39 -24.95 -4.04
C TRP B 372 21.68 -24.81 -5.37
N ARG B 373 20.36 -24.71 -5.31
CA ARG B 373 19.53 -24.43 -6.47
C ARG B 373 18.63 -23.23 -6.18
N LEU B 374 18.39 -22.45 -7.23
CA LEU B 374 17.44 -21.37 -7.17
C LEU B 374 16.02 -21.88 -7.43
N PRO B 375 15.02 -21.23 -6.84
CA PRO B 375 13.64 -21.59 -7.17
C PRO B 375 13.29 -21.09 -8.56
N ARG B 376 12.18 -21.63 -9.10
CA ARG B 376 11.76 -21.24 -10.44
C ARG B 376 11.56 -19.73 -10.54
N VAL B 377 10.98 -19.11 -9.52
CA VAL B 377 11.08 -17.67 -9.30
C VAL B 377 12.35 -17.45 -8.48
N PRO B 378 13.41 -16.86 -9.05
CA PRO B 378 13.51 -16.13 -10.30
C PRO B 378 14.26 -16.78 -11.47
N LEU B 379 14.73 -18.02 -11.33
CA LEU B 379 15.57 -18.61 -12.36
C LEU B 379 14.88 -18.61 -13.72
N GLU B 380 13.61 -19.05 -13.76
CA GLU B 380 12.90 -19.09 -15.03
C GLU B 380 12.69 -17.69 -15.57
N ASP B 381 12.41 -16.73 -14.67
CA ASP B 381 12.19 -15.36 -15.09
C ASP B 381 13.46 -14.74 -15.66
N TYR B 382 14.61 -15.00 -15.05
CA TYR B 382 15.88 -14.49 -15.57
C TYR B 382 16.18 -15.08 -16.95
N ARG B 383 15.98 -16.37 -17.11
CA ARG B 383 16.30 -17.01 -18.38
C ARG B 383 15.40 -16.48 -19.49
N LYS B 384 14.11 -16.30 -19.21
CA LYS B 384 13.22 -15.73 -20.20
C LYS B 384 13.68 -14.32 -20.61
N LEU B 385 13.97 -13.46 -19.63
CA LEU B 385 14.34 -12.09 -19.98
C LEU B 385 15.68 -12.04 -20.71
N ALA B 386 16.63 -12.89 -20.31
CA ALA B 386 17.91 -12.94 -21.00
C ALA B 386 17.72 -13.24 -22.48
N LEU B 387 16.82 -14.16 -22.81
CA LEU B 387 16.51 -14.47 -24.20
C LEU B 387 15.88 -13.30 -24.90
N ILE B 388 14.92 -12.65 -24.25
CA ILE B 388 14.24 -11.52 -24.87
C ILE B 388 15.22 -10.40 -25.19
N VAL B 389 16.15 -10.10 -24.27
CA VAL B 389 17.13 -9.04 -24.53
C VAL B 389 18.03 -9.42 -25.70
N ALA B 390 18.50 -10.66 -25.74
CA ALA B 390 19.36 -11.10 -26.84
C ALA B 390 18.62 -11.02 -28.17
N LEU B 391 17.35 -11.40 -28.17
CA LEU B 391 16.54 -11.31 -29.37
C LEU B 391 16.37 -9.86 -29.81
N ALA B 392 16.04 -9.00 -28.84
CA ALA B 392 15.77 -7.60 -29.15
C ALA B 392 16.97 -6.95 -29.81
N ALA B 393 18.17 -7.42 -29.50
CA ALA B 393 19.35 -6.78 -30.08
C ALA B 393 19.32 -6.89 -31.59
N HIS B 394 18.73 -7.97 -32.11
CA HIS B 394 18.61 -8.13 -33.55
C HIS B 394 17.69 -7.09 -34.17
N PHE B 395 16.79 -6.52 -33.37
CA PHE B 395 15.89 -5.48 -33.84
C PHE B 395 16.40 -4.10 -33.47
N ASP B 396 17.68 -4.02 -33.11
CA ASP B 396 18.35 -2.77 -32.81
C ASP B 396 17.68 -2.09 -31.61
N LEU B 397 17.32 -2.89 -30.62
CA LEU B 397 16.72 -2.43 -29.38
C LEU B 397 17.63 -2.84 -28.21
N ALA B 398 18.10 -1.86 -27.45
CA ALA B 398 19.12 -2.07 -26.43
C ALA B 398 18.53 -2.55 -25.11
N MET B 399 17.26 -2.24 -24.85
CA MET B 399 16.56 -2.70 -23.67
C MET B 399 17.32 -2.37 -22.38
N PRO B 400 17.64 -1.09 -22.16
CA PRO B 400 18.48 -0.77 -20.98
C PRO B 400 17.85 -1.18 -19.66
N GLN B 401 16.54 -1.03 -19.49
CA GLN B 401 15.92 -1.44 -18.24
C GLN B 401 16.03 -2.94 -18.04
N ALA B 402 15.71 -3.70 -19.08
CA ALA B 402 15.84 -5.15 -19.02
C ALA B 402 17.28 -5.53 -18.67
N ARG B 403 18.25 -4.90 -19.34
CA ARG B 403 19.64 -5.21 -19.05
C ARG B 403 20.02 -4.88 -17.61
N SER B 404 19.41 -3.83 -17.03
CA SER B 404 19.73 -3.50 -15.65
C SER B 404 19.23 -4.58 -14.71
N LEU B 405 18.03 -5.12 -15.00
CA LEU B 405 17.47 -6.20 -14.20
C LEU B 405 18.29 -7.48 -14.34
N LEU B 406 18.73 -7.80 -15.56
CA LEU B 406 19.61 -8.93 -15.76
C LEU B 406 20.90 -8.78 -14.95
N ALA B 407 21.49 -7.59 -15.00
CA ALA B 407 22.72 -7.34 -14.24
C ALA B 407 22.49 -7.48 -12.73
N SER B 408 21.36 -6.98 -12.21
CA SER B 408 21.08 -7.10 -10.78
C SER B 408 21.08 -8.56 -10.35
N TYR B 409 20.36 -9.40 -11.08
CA TYR B 409 20.36 -10.82 -10.81
C TYR B 409 21.75 -11.40 -10.89
N GLU B 410 22.47 -11.09 -11.97
CA GLU B 410 23.77 -11.72 -12.21
C GLU B 410 24.75 -11.34 -11.12
N ASN B 411 24.75 -10.06 -10.72
CA ASN B 411 25.64 -9.62 -9.65
C ASN B 411 25.34 -10.35 -8.36
N ALA B 412 24.06 -10.46 -7.99
CA ALA B 412 23.68 -11.09 -6.73
C ALA B 412 24.04 -12.56 -6.72
N VAL B 413 23.73 -13.27 -7.82
CA VAL B 413 23.99 -14.71 -7.86
C VAL B 413 25.49 -14.95 -7.88
N SER B 414 26.24 -14.10 -8.59
CA SER B 414 27.69 -14.21 -8.59
C SER B 414 28.27 -14.06 -7.19
N ARG B 415 27.77 -13.09 -6.41
CA ARG B 415 28.24 -12.96 -5.03
C ARG B 415 27.85 -14.17 -4.19
N PHE B 416 26.68 -14.76 -4.43
CA PHE B 416 26.32 -15.98 -3.72
C PHE B 416 27.30 -17.11 -4.04
N ILE B 417 27.67 -17.26 -5.32
CA ILE B 417 28.66 -18.28 -5.68
C ILE B 417 30.01 -18.00 -5.02
N ASP B 418 30.45 -16.74 -5.05
CA ASP B 418 31.69 -16.35 -4.37
C ASP B 418 31.68 -16.83 -2.92
N CYS B 419 30.56 -16.65 -2.24
CA CYS B 419 30.50 -16.93 -0.81
CA CYS B 419 30.49 -16.94 -0.81
C CYS B 419 30.40 -18.43 -0.53
N GLN B 420 29.50 -19.11 -1.24
CA GLN B 420 29.23 -20.52 -0.98
C GLN B 420 30.28 -21.44 -1.58
N GLY B 421 30.90 -21.01 -2.68
CA GLY B 421 31.80 -21.83 -3.44
C GLY B 421 31.14 -22.48 -4.64
N ALA B 422 31.79 -22.38 -5.80
CA ALA B 422 31.23 -22.96 -7.03
C ALA B 422 30.98 -24.44 -6.85
N SER B 423 31.83 -25.14 -6.10
CA SER B 423 31.67 -26.57 -5.90
C SER B 423 30.38 -26.91 -5.17
N GLN B 424 29.79 -25.95 -4.47
CA GLN B 424 28.57 -26.15 -3.72
C GLN B 424 27.33 -25.70 -4.47
N CYS B 425 27.49 -25.14 -5.66
CA CYS B 425 26.38 -24.54 -6.39
C CYS B 425 26.03 -25.38 -7.62
N HIS B 426 24.72 -25.51 -7.87
CA HIS B 426 24.28 -26.21 -9.07
C HIS B 426 24.65 -25.39 -10.31
N PRO B 427 25.02 -26.03 -11.42
CA PRO B 427 25.49 -25.26 -12.58
C PRO B 427 24.47 -24.33 -13.21
N SER B 428 23.17 -24.50 -12.90
CA SER B 428 22.16 -23.58 -13.37
C SER B 428 22.35 -22.17 -12.84
N LEU B 429 23.12 -22.01 -11.76
CA LEU B 429 23.47 -20.71 -11.26
C LEU B 429 24.58 -20.04 -12.06
N TYR B 430 25.33 -20.80 -12.87
CA TYR B 430 26.48 -20.25 -13.56
C TYR B 430 26.03 -19.42 -14.75
N PRO B 431 26.93 -18.64 -15.33
CA PRO B 431 26.53 -17.75 -16.42
C PRO B 431 26.01 -18.51 -17.63
N ILE B 432 25.01 -17.94 -18.28
CA ILE B 432 24.46 -18.50 -19.51
C ILE B 432 24.71 -17.53 -20.67
N ASP B 433 24.42 -18.01 -21.88
CA ASP B 433 24.53 -17.20 -23.10
C ASP B 433 23.35 -17.53 -24.00
N SER B 434 22.45 -16.57 -24.18
CA SER B 434 21.26 -16.80 -24.97
C SER B 434 21.39 -16.35 -26.41
N ARG B 435 22.60 -15.96 -26.85
CA ARG B 435 22.71 -15.38 -28.17
C ARG B 435 22.45 -16.41 -29.26
N PRO B 436 22.91 -17.66 -29.12
CA PRO B 436 22.61 -18.64 -30.18
C PRO B 436 21.11 -18.85 -30.38
N ALA B 437 20.34 -18.92 -29.29
CA ALA B 437 18.90 -19.11 -29.43
C ALA B 437 18.26 -17.86 -30.03
N ALA B 438 18.71 -16.68 -29.61
CA ALA B 438 18.19 -15.46 -30.20
C ALA B 438 18.49 -15.39 -31.69
N ASP B 439 19.68 -15.81 -32.11
CA ASP B 439 19.99 -15.79 -33.52
C ASP B 439 19.09 -16.75 -34.30
N ALA B 440 18.83 -17.94 -33.75
CA ALA B 440 17.94 -18.89 -34.40
C ALA B 440 16.54 -18.33 -34.54
N ILE B 441 16.06 -17.62 -33.51
CA ILE B 441 14.74 -17.02 -33.58
C ILE B 441 14.68 -15.99 -34.69
N TYR B 442 15.68 -15.10 -34.73
CA TYR B 442 15.70 -14.02 -35.71
C TYR B 442 15.78 -14.55 -37.13
N ARG B 443 16.63 -15.55 -37.34
CA ARG B 443 16.73 -16.23 -38.64
C ARG B 443 15.37 -16.80 -39.05
N GLN B 444 14.71 -17.50 -38.14
CA GLN B 444 13.41 -18.06 -38.45
C GLN B 444 12.41 -16.95 -38.76
N TRP B 445 12.46 -15.85 -38.00
CA TRP B 445 11.52 -14.77 -38.25
C TRP B 445 11.73 -14.12 -39.61
N CYS B 446 12.98 -14.00 -40.04
CA CYS B 446 13.28 -13.41 -41.34
C CYS B 446 13.02 -14.36 -42.51
N SER B 447 12.74 -15.64 -42.24
CA SER B 447 12.65 -16.66 -43.28
C SER B 447 11.40 -16.53 -44.14
#